data_9VJF
#
_entry.id   9VJF
#
_cell.length_a   1.00
_cell.length_b   1.00
_cell.length_c   1.00
_cell.angle_alpha   90.00
_cell.angle_beta   90.00
_cell.angle_gamma   90.00
#
_symmetry.space_group_name_H-M   'P 1'
#
loop_
_entity.id
_entity.type
_entity.pdbx_description
1 polymer 'Guanine nucleotide-binding protein G(i) subunit alpha-3'
2 polymer 'Guanine nucleotide-binding protein G(I)/G(S)/G(T) subunit beta-1'
3 polymer 'Guanine nucleotide-binding protein G(I)/G(S)/G(O) subunit gamma-2'
4 polymer scFv16
5 polymer 'Soluble cytochrome b562,5-hydroxytryptamine receptor 1A'
6 non-polymer CHOLESTEROL
7 non-polymer '(2R)-1-(heptadecanoyloxy)-3-{[(R)-hydroxy{[(1R,2R,3R,4R,5S,6R)-2,3,5,6-tetrahydroxy-4-(phosphonooxy)cyclohexyl]oxy}phosphoryl]oxy}propan-2-yl (5Z,8Z,11Z,14Z)-icosa-5,8,11,14-tetraenoate'
8 non-polymer Buspirone
#
loop_
_entity_poly.entity_id
_entity_poly.type
_entity_poly.pdbx_seq_one_letter_code
_entity_poly.pdbx_strand_id
1 'polypeptide(L)'
;MGCTLSAEDKAAVERSKMIDRNLREDGEKAAKEVKLLLLGAGESGKNTIVKQMKIIHEDGYSEDECKQYKVVVYSNTIQS
IIAIIRAMGRLKIDFGEAARADDARQLFVLAGSAEEGVMTPELAGVIKRLWRDGGVQACFSRSREYQLNDSASYYLNDLD
RISQSNYIPTQQDVLRTRVKTTGIVETHFTFKDLYFKMFDVGAQRSERKKWIHCFEGVTAIIFCVALSDYDLVLAEDEEM
NRMHASMKLFDSICNNKWFTETSIILFLNKKDLFEEKIKRSPLTICYPEYTGSNTYEEAAAYIQCQFEDLNRRKDTKEIY
THFTCSTDTKNVQFVFDAVTDVIIKNNLKECGLY
;
B
2 'polypeptide(L)'
;MHHHHHHLEVLFQGPGSSGSELDQLRQEAEQLKNQIRDARKACADATLSQITNNIDPVGRIQMRTRRTLRGHLAKIYAMH
WGTDSRLLVSASQDGKLIIWDSYTTNKVHAIPLRSSWVMTCAYAPSGNYVACGGLDNICSIYNLKTREGNVRVSRELAGH
TGYLSCCRFLDDNQIVTSSGDTTCALWDIETGQQTTTFTGHTGDVMSLSLAPDTRLFVSGACDASAKLWDVREGMCRQTF
TGHESDINAICFFPNGNAFATGSDDATCRLFDLRADQELMTYSHDNIICGITSVSFSKSGRLLLAGYDDFNCNVWDALKA
DRAGVLAGHDNRVSCLGVTDDGMAVATGSWDSFLKIWN
;
C
3 'polypeptide(L)' MASNNTASIAQARKLVEQLKMEANIDRIKVSKAAADLMAYCEAHAKEDPLLTPVPASENPFREKKFFCAIL D
4 'polypeptide(L)'
;DVQLVESGGGLVQPGGSRKLSCSASGFAFSSFGMHWVRQAPEKGLEWVAYISSGSGTIYYADTVKGRFTISRDDPKNTLF
LQMTSLRSEDTAMYYCVRSIYYYGSSPFDFWGQGTTLTVSSGGGGSGGGGSGGGGSDIVMTQATSSVPVTPGESVSISCR
SSKSLLHSNGNTYLYWFLQRPGQSPQLLIYRMSNLASGVPDRFSGSGSGTAFTLTISRLEAEDVGVYYCMQHLEYPLTFG
AGTKLELKAAA
;
E
5 'polypeptide(L)'
;DYKDDDDAKLQTMHHHHHHHHHHENLYFQGGTTMADLEDNWETLNDNLKVIEKADNAAQVKDALTKMRAAALDAQKATPP
KLEDKSPDSPEMKDFRHGFDILVGQIDDALKLANEGKVKEAQAAAEQLKTTRNAYIQKYLGSTLEVLFQGPTTGISDVTV
SYQVITSLLLGTLIFCAVLGNACVVAAIALERSLQNVANYLIGSLAVTDLMVSVLVLPMAALYQVLNKWTLGQVTCDLFI
ALDVLCCTSSIWHLCAIALDRYWAITDPIDYVNKRTPRRAAALISLTWLIGFLISIPPMLGWRTPEDRSDPDACTISKDH
GYTIYSTFGAFYIPLLLMLVLYGRIFRAARFRIRKTVKKVEKTGADTRHGASPAPQPKKSVNGESGSRNWRLGVESKAGG
ALCANGAVRQGDDGAALEVIEVHRVGNSKEHLPLPSEAGPTPCAPASFERKNERNAEAKRKMALARERKTVKTLGIIMGT
FILCWLPFFIVALVLPFCESSCHMPTLLGAIINWLGYSNSLLNPVIYAYFNKDFQNAFKKIIKCKFCRQ
;
R
#
# COMPACT_ATOMS: atom_id res chain seq x y z
N LEU A 5 -6.59 -4.48 25.71
CA LEU A 5 -5.70 -3.37 25.44
C LEU A 5 -5.38 -2.56 26.69
N SER A 6 -4.08 -2.45 26.98
CA SER A 6 -3.64 -1.62 28.07
C SER A 6 -3.74 -0.15 27.68
N ALA A 7 -3.40 0.73 28.62
CA ALA A 7 -3.46 2.16 28.34
C ALA A 7 -2.46 2.54 27.25
N GLU A 8 -1.23 2.04 27.37
CA GLU A 8 -0.24 2.30 26.33
C GLU A 8 -0.59 1.60 25.03
N ASP A 9 -1.22 0.43 25.10
CA ASP A 9 -1.70 -0.20 23.87
C ASP A 9 -2.80 0.61 23.23
N LYS A 10 -3.67 1.23 24.03
CA LYS A 10 -4.68 2.13 23.47
C LYS A 10 -4.04 3.34 22.80
N ALA A 11 -3.01 3.90 23.41
CA ALA A 11 -2.31 5.02 22.78
C ALA A 11 -1.57 4.59 21.53
N ALA A 12 -1.07 3.35 21.51
CA ALA A 12 -0.43 2.82 20.30
C ALA A 12 -1.46 2.63 19.19
N VAL A 13 -2.66 2.18 19.54
CA VAL A 13 -3.73 2.06 18.54
C VAL A 13 -4.10 3.44 18.02
N GLU A 14 -4.14 4.44 18.90
CA GLU A 14 -4.40 5.81 18.45
C GLU A 14 -3.32 6.31 17.52
N ARG A 15 -2.06 6.01 17.81
CA ARG A 15 -0.98 6.40 16.92
C ARG A 15 -1.11 5.71 15.57
N SER A 16 -1.45 4.43 15.57
CA SER A 16 -1.66 3.72 14.31
C SER A 16 -2.80 4.34 13.52
N LYS A 17 -3.85 4.79 14.20
CA LYS A 17 -4.97 5.41 13.51
C LYS A 17 -4.62 6.77 12.95
N MET A 18 -3.82 7.55 13.68
CA MET A 18 -3.33 8.82 13.12
C MET A 18 -2.45 8.57 11.91
N ILE A 19 -1.61 7.53 11.97
CA ILE A 19 -0.79 7.17 10.82
C ILE A 19 -1.66 6.77 9.66
N ASP A 20 -2.73 6.02 9.92
CA ASP A 20 -3.69 5.67 8.88
C ASP A 20 -4.30 6.92 8.26
N ARG A 21 -4.64 7.90 9.09
CA ARG A 21 -5.17 9.15 8.59
C ARG A 21 -4.18 9.79 7.61
N ASN A 22 -2.97 10.09 8.08
CA ASN A 22 -1.99 10.74 7.22
C ASN A 22 -1.68 9.93 5.97
N LEU A 23 -1.72 8.60 6.05
CA LEU A 23 -1.61 7.80 4.84
C LEU A 23 -2.76 8.07 3.89
N ARG A 24 -3.96 8.26 4.44
CA ARG A 24 -5.12 8.55 3.59
C ARG A 24 -4.98 9.90 2.91
N GLU A 25 -4.60 10.94 3.65
CA GLU A 25 -4.39 12.22 2.95
C GLU A 25 -3.28 12.12 1.91
N ASP A 26 -2.19 11.42 2.22
CA ASP A 26 -1.11 11.32 1.25
C ASP A 26 -1.54 10.54 0.01
N GLY A 27 -2.31 9.47 0.18
CA GLY A 27 -2.77 8.72 -0.97
C GLY A 27 -3.79 9.47 -1.79
N GLU A 28 -4.65 10.24 -1.14
CA GLU A 28 -5.62 11.05 -1.88
C GLU A 28 -4.94 12.20 -2.61
N LYS A 29 -3.87 12.75 -2.03
CA LYS A 29 -3.11 13.78 -2.73
C LYS A 29 -2.34 13.19 -3.90
N ALA A 30 -1.84 11.97 -3.75
CA ALA A 30 -1.14 11.30 -4.85
C ALA A 30 -2.08 10.77 -5.91
N ALA A 31 -3.37 10.62 -5.60
CA ALA A 31 -4.33 10.21 -6.61
C ALA A 31 -4.60 11.32 -7.60
N LYS A 32 -4.58 12.58 -7.15
CA LYS A 32 -4.76 13.74 -8.00
C LYS A 32 -3.54 14.03 -8.85
N GLU A 33 -2.58 13.12 -8.87
CA GLU A 33 -1.32 13.30 -9.56
C GLU A 33 -1.35 12.53 -10.87
N VAL A 34 -1.06 13.21 -11.97
CA VAL A 34 -0.99 12.57 -13.29
C VAL A 34 0.43 12.06 -13.46
N LYS A 35 0.60 10.74 -13.36
CA LYS A 35 1.90 10.12 -13.49
C LYS A 35 2.22 9.93 -14.96
N LEU A 36 3.41 10.37 -15.38
CA LEU A 36 3.86 10.26 -16.75
C LEU A 36 5.23 9.60 -16.76
N LEU A 37 5.37 8.54 -17.56
CA LEU A 37 6.65 7.85 -17.68
C LEU A 37 7.37 8.41 -18.90
N LEU A 38 8.45 9.12 -18.66
CA LEU A 38 9.22 9.74 -19.73
C LEU A 38 10.31 8.80 -20.20
N LEU A 39 10.32 8.51 -21.50
CA LEU A 39 11.31 7.59 -22.07
C LEU A 39 12.02 8.24 -23.26
N GLY A 40 12.84 7.46 -23.95
CA GLY A 40 13.61 7.98 -25.06
C GLY A 40 15.01 7.40 -25.11
N ALA A 41 15.95 8.16 -25.68
CA ALA A 41 17.33 7.68 -25.83
C ALA A 41 18.35 8.65 -25.26
N GLY A 42 17.96 9.50 -24.30
CA GLY A 42 18.88 10.44 -23.71
C GLY A 42 19.19 11.60 -24.64
N GLU A 43 19.91 11.31 -25.72
CA GLU A 43 20.15 12.27 -26.78
C GLU A 43 18.98 12.39 -27.75
N SER A 44 17.81 11.87 -27.37
CA SER A 44 16.62 11.94 -28.19
C SER A 44 15.84 13.24 -27.98
N GLY A 45 16.30 14.10 -27.09
CA GLY A 45 15.63 15.36 -26.82
C GLY A 45 14.74 15.37 -25.60
N LYS A 46 14.78 14.32 -24.77
CA LYS A 46 13.96 14.32 -23.56
C LYS A 46 14.38 15.42 -22.60
N ASN A 47 15.66 15.81 -22.62
CA ASN A 47 16.12 16.85 -21.72
C ASN A 47 15.49 18.20 -22.06
N THR A 48 15.44 18.56 -23.34
CA THR A 48 14.77 19.80 -23.71
C THR A 48 13.26 19.69 -23.52
N ILE A 49 12.72 18.47 -23.59
CA ILE A 49 11.31 18.28 -23.24
C ILE A 49 11.07 18.63 -21.78
N VAL A 50 11.95 18.15 -20.90
CA VAL A 50 11.85 18.50 -19.48
C VAL A 50 12.00 20.00 -19.29
N LYS A 51 12.94 20.61 -20.02
CA LYS A 51 13.14 22.05 -19.91
C LYS A 51 11.87 22.81 -20.31
N GLN A 52 11.19 22.35 -21.35
CA GLN A 52 9.93 22.98 -21.75
C GLN A 52 8.84 22.72 -20.71
N MET A 53 8.86 21.54 -20.09
CA MET A 53 7.85 21.22 -19.07
C MET A 53 7.97 22.14 -17.88
N LYS A 54 9.19 22.39 -17.42
CA LYS A 54 9.41 23.24 -16.26
C LYS A 54 9.00 24.69 -16.54
N THR A 182 22.10 10.73 -9.52
CA THR A 182 21.56 9.85 -10.55
C THR A 182 20.31 9.12 -10.07
N GLY A 183 20.00 8.01 -10.73
CA GLY A 183 18.80 7.26 -10.41
C GLY A 183 17.74 7.45 -11.47
N ILE A 184 16.58 7.95 -11.08
CA ILE A 184 15.61 8.44 -12.04
C ILE A 184 15.19 9.83 -11.60
N VAL A 185 14.85 10.66 -12.58
CA VAL A 185 14.50 12.05 -12.34
C VAL A 185 12.99 12.18 -12.35
N GLU A 186 12.45 12.72 -11.27
CA GLU A 186 11.01 12.97 -11.17
C GLU A 186 10.78 14.45 -11.44
N THR A 187 10.02 14.76 -12.48
CA THR A 187 9.74 16.12 -12.88
C THR A 187 8.27 16.41 -12.62
N HIS A 188 8.01 17.51 -11.93
CA HIS A 188 6.65 17.89 -11.54
C HIS A 188 6.32 19.23 -12.16
N PHE A 189 5.17 19.31 -12.82
CA PHE A 189 4.69 20.57 -13.37
C PHE A 189 3.18 20.60 -13.31
N THR A 190 2.62 21.80 -13.24
CA THR A 190 1.17 22.00 -13.18
C THR A 190 0.74 22.77 -14.42
N PHE A 191 -0.33 22.30 -15.06
CA PHE A 191 -0.82 22.92 -16.27
C PHE A 191 -2.34 22.77 -16.33
N LYS A 192 -3.06 23.89 -16.35
CA LYS A 192 -4.51 23.92 -16.42
C LYS A 192 -5.13 23.09 -15.30
N ASP A 193 -4.65 23.32 -14.08
CA ASP A 193 -5.12 22.71 -12.84
C ASP A 193 -4.73 21.24 -12.70
N LEU A 194 -4.09 20.65 -13.69
CA LEU A 194 -3.58 19.28 -13.57
C LEU A 194 -2.14 19.31 -13.10
N TYR A 195 -1.83 18.47 -12.12
CA TYR A 195 -0.48 18.35 -11.60
C TYR A 195 0.15 17.09 -12.17
N PHE A 196 1.20 17.25 -12.95
CA PHE A 196 1.85 16.14 -13.63
C PHE A 196 3.12 15.74 -12.90
N LYS A 197 3.31 14.44 -12.73
CA LYS A 197 4.59 13.88 -12.31
C LYS A 197 5.16 13.10 -13.48
N MET A 198 6.32 13.52 -13.96
CA MET A 198 6.95 12.93 -15.13
C MET A 198 8.25 12.28 -14.67
N PHE A 199 8.29 10.95 -14.72
CA PHE A 199 9.40 10.17 -14.23
C PHE A 199 10.32 9.83 -15.39
N ASP A 200 11.50 10.45 -15.41
CA ASP A 200 12.49 10.19 -16.44
C ASP A 200 13.39 9.05 -15.99
N VAL A 201 13.32 7.93 -16.69
CA VAL A 201 14.07 6.73 -16.33
C VAL A 201 15.16 6.43 -17.35
N GLY A 202 15.49 7.38 -18.22
CA GLY A 202 16.53 7.14 -19.21
C GLY A 202 17.90 6.90 -18.59
N ALA A 203 18.13 7.46 -17.40
CA ALA A 203 19.40 7.26 -16.71
C ALA A 203 19.55 5.85 -16.15
N GLN A 204 18.48 5.05 -16.16
CA GLN A 204 18.54 3.67 -15.69
C GLN A 204 19.05 2.79 -16.82
N ARG A 205 20.36 2.60 -16.86
CA ARG A 205 20.99 1.73 -17.85
C ARG A 205 20.74 0.25 -17.57
N SER A 206 20.14 -0.08 -16.43
CA SER A 206 19.86 -1.45 -16.07
C SER A 206 18.70 -2.01 -16.90
N GLU A 207 18.28 -3.21 -16.56
CA GLU A 207 17.26 -3.91 -17.33
C GLU A 207 15.89 -3.31 -17.07
N ARG A 208 15.22 -2.87 -18.15
CA ARG A 208 13.87 -2.36 -18.01
C ARG A 208 12.92 -3.43 -17.47
N LYS A 209 13.13 -4.69 -17.86
CA LYS A 209 12.20 -5.75 -17.54
C LYS A 209 12.05 -5.99 -16.04
N LYS A 210 12.97 -5.47 -15.22
CA LYS A 210 12.91 -5.65 -13.78
C LYS A 210 12.27 -4.48 -13.05
N TRP A 211 12.17 -3.32 -13.68
CA TRP A 211 11.59 -2.16 -13.03
C TRP A 211 10.56 -1.41 -13.87
N ILE A 212 10.25 -1.90 -15.07
CA ILE A 212 9.24 -1.22 -15.87
C ILE A 212 7.83 -1.49 -15.35
N HIS A 213 7.64 -2.55 -14.57
CA HIS A 213 6.33 -2.80 -13.98
C HIS A 213 6.02 -1.86 -12.83
N CYS A 214 7.02 -1.13 -12.32
CA CYS A 214 6.77 -0.14 -11.29
C CYS A 214 5.90 0.99 -11.81
N PHE A 215 5.94 1.26 -13.11
CA PHE A 215 5.16 2.29 -13.76
C PHE A 215 3.94 1.73 -14.46
N GLU A 216 3.40 0.62 -13.95
CA GLU A 216 2.26 -0.01 -14.62
C GLU A 216 1.04 0.89 -14.60
N GLY A 217 0.79 1.55 -13.46
CA GLY A 217 -0.39 2.39 -13.34
C GLY A 217 -0.13 3.83 -13.73
N VAL A 218 0.72 4.03 -14.71
CA VAL A 218 1.07 5.36 -15.18
C VAL A 218 0.01 5.83 -16.17
N THR A 219 -0.29 7.13 -16.15
CA THR A 219 -1.35 7.65 -17.00
C THR A 219 -0.97 7.55 -18.47
N ALA A 220 0.21 8.02 -18.82
CA ALA A 220 0.67 7.97 -20.20
C ALA A 220 2.18 7.90 -20.21
N ILE A 221 2.71 7.40 -21.32
CA ILE A 221 4.15 7.32 -21.54
C ILE A 221 4.53 8.44 -22.49
N ILE A 222 5.44 9.30 -22.07
CA ILE A 222 5.97 10.36 -22.93
C ILE A 222 7.25 9.82 -23.55
N PHE A 223 7.17 9.43 -24.80
CA PHE A 223 8.30 8.88 -25.53
C PHE A 223 8.91 9.98 -26.37
N CYS A 224 10.20 10.25 -26.16
CA CYS A 224 10.91 11.29 -26.89
C CYS A 224 11.82 10.64 -27.92
N VAL A 225 11.70 11.08 -29.17
CA VAL A 225 12.50 10.56 -30.27
C VAL A 225 13.09 11.74 -31.02
N ALA A 226 14.40 11.73 -31.21
CA ALA A 226 15.05 12.75 -32.02
C ALA A 226 14.86 12.39 -33.48
N LEU A 227 14.19 13.29 -34.23
CA LEU A 227 14.02 13.06 -35.65
C LEU A 227 15.35 13.02 -36.37
N SER A 228 16.31 13.84 -35.92
CA SER A 228 17.62 13.88 -36.53
C SER A 228 18.52 12.77 -36.02
N ASP A 229 18.00 11.54 -35.98
CA ASP A 229 18.78 10.36 -35.61
C ASP A 229 18.58 9.23 -36.62
N TYR A 230 17.91 9.50 -37.74
CA TYR A 230 17.68 8.46 -38.74
C TYR A 230 18.99 8.01 -39.37
N ASP A 231 19.91 8.93 -39.63
CA ASP A 231 21.19 8.60 -40.22
C ASP A 231 22.25 8.25 -39.19
N LEU A 232 22.13 8.75 -37.97
CA LEU A 232 23.14 8.55 -36.94
C LEU A 232 23.19 7.09 -36.49
N VAL A 233 24.26 6.76 -35.78
CA VAL A 233 24.46 5.42 -35.23
C VAL A 233 24.80 5.55 -33.76
N LEU A 234 24.56 4.47 -33.03
CA LEU A 234 24.80 4.43 -31.59
C LEU A 234 26.27 4.65 -31.26
N MET A 240 24.40 0.31 -34.00
CA MET A 240 23.20 0.25 -34.81
C MET A 240 22.63 1.65 -35.04
N ASN A 241 21.63 1.74 -35.92
CA ASN A 241 21.00 3.01 -36.21
C ASN A 241 20.29 3.55 -34.96
N ARG A 242 20.50 4.84 -34.69
CA ARG A 242 19.84 5.45 -33.53
C ARG A 242 18.33 5.42 -33.67
N MET A 243 17.83 5.74 -34.86
CA MET A 243 16.38 5.72 -35.07
C MET A 243 15.84 4.30 -34.97
N HIS A 244 16.60 3.30 -35.43
CA HIS A 244 16.18 1.93 -35.24
C HIS A 244 16.23 1.51 -33.78
N ALA A 245 17.21 2.03 -33.02
CA ALA A 245 17.22 1.79 -31.59
C ALA A 245 15.99 2.40 -30.93
N SER A 246 15.64 3.63 -31.32
CA SER A 246 14.45 4.26 -30.79
C SER A 246 13.20 3.48 -31.16
N MET A 247 13.15 2.94 -32.38
CA MET A 247 11.97 2.19 -32.81
C MET A 247 11.84 0.87 -32.08
N LYS A 248 12.95 0.16 -31.84
CA LYS A 248 12.84 -1.09 -31.10
C LYS A 248 12.48 -0.83 -29.63
N LEU A 249 13.05 0.22 -29.04
CA LEU A 249 12.66 0.59 -27.67
C LEU A 249 11.18 0.97 -27.61
N PHE A 250 10.72 1.72 -28.61
CA PHE A 250 9.32 2.11 -28.66
C PHE A 250 8.41 0.90 -28.83
N ASP A 251 8.81 -0.04 -29.68
CA ASP A 251 8.01 -1.26 -29.85
C ASP A 251 7.91 -2.02 -28.54
N SER A 252 9.05 -2.18 -27.86
CA SER A 252 9.04 -2.91 -26.58
C SER A 252 8.14 -2.22 -25.56
N ILE A 253 8.26 -0.90 -25.43
CA ILE A 253 7.48 -0.18 -24.45
C ILE A 253 6.00 -0.21 -24.81
N CYS A 254 5.68 0.01 -26.08
CA CYS A 254 4.28 0.08 -26.51
C CYS A 254 3.59 -1.26 -26.34
N ASN A 255 4.21 -2.33 -26.79
CA ASN A 255 3.62 -3.66 -26.71
C ASN A 255 4.03 -4.39 -25.45
N ASN A 256 4.57 -3.68 -24.46
CA ASN A 256 4.84 -4.26 -23.16
C ASN A 256 3.55 -4.75 -22.51
N LYS A 257 3.67 -5.82 -21.72
CA LYS A 257 2.50 -6.39 -21.07
C LYS A 257 1.95 -5.50 -19.97
N TRP A 258 2.73 -4.55 -19.47
CA TRP A 258 2.31 -3.66 -18.41
C TRP A 258 1.65 -2.38 -18.92
N PHE A 259 1.67 -2.15 -20.23
CA PHE A 259 1.21 -0.92 -20.83
C PHE A 259 0.19 -1.19 -21.93
N THR A 260 -0.68 -2.18 -21.70
CA THR A 260 -1.68 -2.51 -22.72
C THR A 260 -2.66 -1.36 -22.92
N GLU A 261 -3.10 -0.72 -21.84
CA GLU A 261 -4.02 0.40 -21.94
C GLU A 261 -3.35 1.75 -21.67
N THR A 262 -2.03 1.80 -21.56
CA THR A 262 -1.33 3.04 -21.31
C THR A 262 -0.98 3.70 -22.63
N SER A 263 -1.68 4.77 -22.97
CA SER A 263 -1.41 5.49 -24.21
C SER A 263 -0.06 6.17 -24.15
N ILE A 264 0.50 6.42 -25.33
CA ILE A 264 1.85 6.94 -25.46
C ILE A 264 1.79 8.30 -26.12
N ILE A 265 2.38 9.30 -25.46
CA ILE A 265 2.49 10.65 -26.01
C ILE A 265 3.84 10.70 -26.72
N LEU A 266 3.86 10.35 -27.99
CA LEU A 266 5.11 10.28 -28.74
C LEU A 266 5.56 11.69 -29.10
N PHE A 267 6.83 11.97 -28.83
CA PHE A 267 7.43 13.25 -29.17
C PHE A 267 8.53 13.03 -30.19
N LEU A 268 8.49 13.77 -31.29
CA LEU A 268 9.51 13.71 -32.33
C LEU A 268 10.31 15.00 -32.26
N ASN A 269 11.43 14.95 -31.55
CA ASN A 269 12.23 16.13 -31.26
C ASN A 269 13.15 16.46 -32.43
N LYS A 270 13.77 17.64 -32.35
CA LYS A 270 14.76 18.10 -33.31
C LYS A 270 14.19 18.12 -34.74
N LYS A 271 13.02 18.74 -34.88
CA LYS A 271 12.40 18.81 -36.19
C LYS A 271 13.14 19.77 -37.13
N ASP A 272 13.72 20.85 -36.57
CA ASP A 272 14.46 21.79 -37.42
C ASP A 272 15.80 21.22 -37.86
N LEU A 273 16.50 20.54 -36.96
CA LEU A 273 17.68 19.81 -37.39
C LEU A 273 17.30 18.68 -38.35
N PHE A 274 16.10 18.10 -38.18
CA PHE A 274 15.59 17.19 -39.19
C PHE A 274 15.35 17.89 -40.51
N GLU A 275 14.81 19.12 -40.48
CA GLU A 275 14.73 19.94 -41.68
C GLU A 275 16.07 19.96 -42.40
N GLU A 276 17.09 20.44 -41.69
CA GLU A 276 18.40 20.64 -42.30
C GLU A 276 19.00 19.34 -42.82
N LYS A 277 18.90 18.27 -42.04
CA LYS A 277 19.52 17.01 -42.45
C LYS A 277 18.75 16.32 -43.57
N ILE A 278 17.43 16.47 -43.62
CA ILE A 278 16.67 15.85 -44.69
C ILE A 278 16.76 16.66 -45.97
N LYS A 279 17.11 17.95 -45.89
CA LYS A 279 17.41 18.69 -47.11
C LYS A 279 18.61 18.12 -47.83
N ARG A 280 19.65 17.74 -47.09
CA ARG A 280 20.87 17.18 -47.66
C ARG A 280 20.86 15.66 -47.65
N SER A 281 20.78 15.05 -46.47
CA SER A 281 20.85 13.60 -46.37
C SER A 281 19.48 12.97 -46.64
N PRO A 282 19.44 11.79 -47.26
CA PRO A 282 18.16 11.14 -47.50
C PRO A 282 17.73 10.27 -46.33
N LEU A 283 16.41 10.13 -46.18
CA LEU A 283 15.85 9.27 -45.15
C LEU A 283 16.01 7.79 -45.48
N THR A 284 16.37 7.46 -46.73
CA THR A 284 16.57 6.06 -47.10
C THR A 284 17.70 5.41 -46.32
N ILE A 285 18.58 6.22 -45.72
CA ILE A 285 19.64 5.68 -44.87
C ILE A 285 19.04 4.89 -43.72
N CYS A 286 18.01 5.43 -43.08
CA CYS A 286 17.34 4.72 -42.00
C CYS A 286 16.36 3.69 -42.55
N TYR A 287 15.46 4.12 -43.44
CA TYR A 287 14.41 3.24 -43.97
C TYR A 287 14.71 2.94 -45.43
N PRO A 288 15.27 1.75 -45.74
CA PRO A 288 15.54 1.43 -47.14
C PRO A 288 14.29 1.40 -48.02
N GLU A 289 13.15 0.97 -47.48
CA GLU A 289 11.92 0.86 -48.24
C GLU A 289 11.08 2.13 -48.20
N TYR A 290 11.69 3.27 -47.90
CA TYR A 290 10.95 4.52 -47.80
C TYR A 290 10.26 4.85 -49.12
N THR A 291 11.05 5.07 -50.17
CA THR A 291 10.55 5.42 -51.50
C THR A 291 9.59 6.61 -51.44
N GLY A 292 10.12 7.74 -50.98
CA GLY A 292 9.33 8.95 -50.87
C GLY A 292 10.20 10.17 -51.03
N SER A 293 9.53 11.32 -51.14
CA SER A 293 10.24 12.58 -51.31
C SER A 293 11.00 12.94 -50.04
N ASN A 294 12.21 13.44 -50.21
CA ASN A 294 13.05 13.85 -49.08
C ASN A 294 12.75 15.29 -48.65
N THR A 295 11.47 15.57 -48.45
CA THR A 295 11.01 16.82 -47.87
C THR A 295 10.57 16.56 -46.44
N TYR A 296 10.46 17.63 -45.65
CA TYR A 296 10.15 17.48 -44.24
C TYR A 296 8.81 16.79 -44.03
N GLU A 297 7.80 17.19 -44.81
CA GLU A 297 6.46 16.67 -44.55
C GLU A 297 6.38 15.18 -44.81
N GLU A 298 6.83 14.75 -45.99
CA GLU A 298 6.76 13.32 -46.32
C GLU A 298 7.64 12.49 -45.39
N ALA A 299 8.86 12.96 -45.12
CA ALA A 299 9.77 12.21 -44.26
C ALA A 299 9.22 12.10 -42.85
N ALA A 300 8.71 13.21 -42.30
CA ALA A 300 8.16 13.20 -40.95
C ALA A 300 6.92 12.32 -40.87
N ALA A 301 6.06 12.39 -41.89
CA ALA A 301 4.88 11.53 -41.89
C ALA A 301 5.27 10.06 -41.95
N TYR A 302 6.28 9.72 -42.75
CA TYR A 302 6.73 8.34 -42.82
C TYR A 302 7.32 7.88 -41.49
N ILE A 303 8.09 8.75 -40.84
CA ILE A 303 8.67 8.39 -39.54
C ILE A 303 7.57 8.16 -38.51
N GLN A 304 6.58 9.06 -38.49
CA GLN A 304 5.48 8.92 -37.54
C GLN A 304 4.69 7.65 -37.81
N CYS A 305 4.45 7.33 -39.08
CA CYS A 305 3.74 6.10 -39.40
C CYS A 305 4.55 4.86 -39.02
N GLN A 306 5.86 4.92 -39.22
CA GLN A 306 6.72 3.80 -38.86
C GLN A 306 6.80 3.61 -37.35
N PHE A 307 6.63 4.69 -36.59
CA PHE A 307 6.54 4.54 -35.14
C PHE A 307 5.16 4.04 -34.72
N GLU A 308 4.11 4.51 -35.36
CA GLU A 308 2.75 4.22 -34.94
C GLU A 308 2.25 2.86 -35.43
N ASP A 309 2.90 2.24 -36.41
CA ASP A 309 2.54 0.88 -36.77
C ASP A 309 3.30 -0.16 -35.96
N LEU A 310 4.30 0.26 -35.18
CA LEU A 310 4.85 -0.57 -34.13
C LEU A 310 3.87 -0.77 -32.99
N ASN A 311 2.79 0.00 -32.97
CA ASN A 311 1.76 -0.06 -31.94
C ASN A 311 0.77 -1.15 -32.31
N ARG A 312 1.00 -2.35 -31.79
CA ARG A 312 -0.05 -3.35 -31.81
C ARG A 312 -1.10 -2.98 -30.74
N ARG A 313 -2.11 -3.82 -30.59
CA ARG A 313 -3.24 -3.55 -29.71
C ARG A 313 -3.71 -2.10 -29.81
N LYS A 314 -3.96 -1.68 -31.06
CA LYS A 314 -4.40 -0.31 -31.32
C LYS A 314 -5.77 -0.03 -30.71
N ASP A 315 -6.50 -1.07 -30.33
CA ASP A 315 -7.81 -0.88 -29.73
C ASP A 315 -7.71 -0.38 -28.29
N THR A 316 -6.76 -0.90 -27.51
CA THR A 316 -6.68 -0.52 -26.11
C THR A 316 -5.88 0.75 -25.86
N LYS A 317 -5.10 1.23 -26.82
CA LYS A 317 -4.29 2.43 -26.57
C LYS A 317 -4.12 3.22 -27.86
N GLU A 318 -3.86 4.52 -27.67
CA GLU A 318 -3.57 5.44 -28.75
C GLU A 318 -2.13 5.93 -28.65
N ILE A 319 -1.66 6.54 -29.72
CA ILE A 319 -0.38 7.26 -29.73
C ILE A 319 -0.65 8.68 -30.14
N TYR A 320 -0.16 9.63 -29.35
CA TYR A 320 -0.36 11.05 -29.59
C TYR A 320 0.97 11.62 -30.05
N THR A 321 1.21 11.57 -31.35
CA THR A 321 2.46 12.03 -31.92
C THR A 321 2.49 13.55 -32.01
N HIS A 322 3.66 14.13 -31.73
CA HIS A 322 3.85 15.56 -31.80
C HIS A 322 5.21 15.86 -32.40
N PHE A 323 5.35 17.06 -32.95
CA PHE A 323 6.59 17.49 -33.59
C PHE A 323 7.09 18.75 -32.88
N THR A 324 8.34 18.72 -32.46
CA THR A 324 8.98 19.84 -31.76
C THR A 324 10.47 19.77 -32.03
N CYS A 325 11.14 20.93 -31.93
CA CYS A 325 12.60 20.94 -32.05
C CYS A 325 13.29 21.41 -30.77
N SER A 326 13.19 22.69 -30.43
CA SER A 326 13.66 23.14 -29.11
C SER A 326 12.90 24.34 -28.56
N THR A 327 11.93 24.90 -29.30
CA THR A 327 11.28 26.15 -28.92
C THR A 327 9.79 26.08 -29.18
N ASP A 328 9.21 24.88 -29.15
CA ASP A 328 7.82 24.72 -29.56
C ASP A 328 6.89 25.46 -28.62
N THR A 329 7.20 25.46 -27.32
CA THR A 329 6.45 26.14 -26.27
C THR A 329 5.00 25.67 -26.17
N LYS A 330 4.65 24.59 -26.86
CA LYS A 330 3.32 23.98 -26.76
C LYS A 330 3.42 22.49 -26.55
N ASN A 331 4.57 22.00 -26.10
CA ASN A 331 4.72 20.59 -25.76
C ASN A 331 3.98 20.24 -24.48
N VAL A 332 3.99 21.14 -23.50
CA VAL A 332 3.21 20.93 -22.30
C VAL A 332 1.72 21.00 -22.63
N GLN A 333 1.34 21.88 -23.56
CA GLN A 333 -0.05 21.94 -24.00
C GLN A 333 -0.44 20.64 -24.69
N PHE A 334 0.43 20.10 -25.54
CA PHE A 334 0.12 18.84 -26.22
C PHE A 334 0.02 17.70 -25.22
N VAL A 335 0.92 17.67 -24.22
CA VAL A 335 0.84 16.63 -23.20
C VAL A 335 -0.45 16.74 -22.41
N PHE A 336 -0.84 17.96 -22.06
CA PHE A 336 -2.11 18.15 -21.36
C PHE A 336 -3.28 17.66 -22.19
N ASP A 337 -3.28 18.00 -23.48
CA ASP A 337 -4.36 17.57 -24.36
C ASP A 337 -4.40 16.05 -24.47
N ALA A 338 -3.24 15.43 -24.63
CA ALA A 338 -3.19 13.97 -24.74
C ALA A 338 -3.62 13.30 -23.45
N VAL A 339 -3.22 13.85 -22.30
CA VAL A 339 -3.59 13.26 -21.02
C VAL A 339 -5.08 13.41 -20.76
N THR A 340 -5.66 14.59 -21.05
CA THR A 340 -7.09 14.73 -20.90
C THR A 340 -7.85 13.84 -21.86
N ASP A 341 -7.32 13.63 -23.07
CA ASP A 341 -7.90 12.66 -23.98
C ASP A 341 -7.87 11.27 -23.38
N VAL A 342 -6.74 10.89 -22.79
CA VAL A 342 -6.60 9.58 -22.18
C VAL A 342 -7.60 9.40 -21.05
N ILE A 343 -7.72 10.42 -20.20
CA ILE A 343 -8.63 10.36 -19.06
C ILE A 343 -10.07 10.24 -19.53
N ILE A 344 -10.45 11.07 -20.50
CA ILE A 344 -11.81 11.06 -21.01
C ILE A 344 -12.12 9.71 -21.65
N LYS A 345 -11.15 9.14 -22.38
CA LYS A 345 -11.40 7.86 -23.04
C LYS A 345 -11.46 6.71 -22.04
N ASN A 346 -10.66 6.76 -20.97
CA ASN A 346 -10.82 5.75 -19.92
C ASN A 346 -12.19 5.85 -19.26
N ASN A 347 -12.66 7.08 -19.01
CA ASN A 347 -13.99 7.25 -18.44
C ASN A 347 -15.06 6.75 -19.39
N LEU A 348 -14.88 6.97 -20.69
CA LEU A 348 -15.81 6.42 -21.67
C LEU A 348 -15.79 4.90 -21.66
N LYS A 349 -14.61 4.30 -21.57
CA LYS A 349 -14.53 2.84 -21.48
C LYS A 349 -15.19 2.32 -20.22
N GLU A 350 -15.15 3.10 -19.14
CA GLU A 350 -15.84 2.69 -17.91
C GLU A 350 -17.34 2.60 -18.13
N CYS A 351 -17.92 3.57 -18.84
CA CYS A 351 -19.35 3.59 -19.11
C CYS A 351 -19.77 2.63 -20.22
N GLY A 352 -18.83 2.03 -20.93
CA GLY A 352 -19.16 1.23 -22.08
C GLY A 352 -19.32 1.99 -23.36
N LEU A 353 -18.79 3.21 -23.44
CA LEU A 353 -18.94 4.09 -24.58
C LEU A 353 -17.64 4.26 -25.36
N TYR A 354 -16.76 3.28 -25.31
CA TYR A 354 -15.48 3.34 -26.01
C TYR A 354 -14.83 1.98 -26.03
N SER B 20 45.68 -13.85 -31.37
CA SER B 20 44.42 -13.74 -30.65
C SER B 20 44.51 -14.37 -29.27
N GLU B 21 45.02 -13.59 -28.31
CA GLU B 21 45.12 -14.10 -26.93
C GLU B 21 43.76 -14.32 -26.29
N LEU B 22 42.72 -13.62 -26.76
CA LEU B 22 41.39 -13.80 -26.19
C LEU B 22 40.90 -15.23 -26.41
N ASP B 23 41.19 -15.81 -27.57
CA ASP B 23 40.84 -17.21 -27.82
C ASP B 23 41.55 -18.13 -26.83
N GLN B 24 42.81 -17.85 -26.52
CA GLN B 24 43.51 -18.61 -25.49
C GLN B 24 42.84 -18.45 -24.13
N LEU B 25 42.44 -17.21 -23.79
CA LEU B 25 41.76 -16.99 -22.53
C LEU B 25 40.36 -17.57 -22.52
N ARG B 26 39.64 -17.48 -23.66
CA ARG B 26 38.32 -18.08 -23.73
C ARG B 26 38.39 -19.60 -23.62
N GLN B 27 39.36 -20.21 -24.29
CA GLN B 27 39.53 -21.66 -24.19
C GLN B 27 39.94 -22.06 -22.77
N GLU B 28 40.80 -21.27 -22.14
CA GLU B 28 41.18 -21.56 -20.75
C GLU B 28 39.99 -21.46 -19.82
N ALA B 29 39.13 -20.45 -20.02
CA ALA B 29 37.93 -20.32 -19.20
C ALA B 29 36.97 -21.48 -19.44
N GLU B 30 36.84 -21.93 -20.69
CA GLU B 30 36.00 -23.10 -20.97
C GLU B 30 36.57 -24.34 -20.29
N GLN B 31 37.89 -24.50 -20.32
CA GLN B 31 38.52 -25.63 -19.64
C GLN B 31 38.26 -25.59 -18.14
N LEU B 32 38.36 -24.39 -17.54
CA LEU B 32 38.10 -24.27 -16.11
C LEU B 32 36.64 -24.55 -15.78
N LYS B 33 35.72 -24.09 -16.65
CA LYS B 33 34.30 -24.38 -16.44
C LYS B 33 34.03 -25.88 -16.52
N ASN B 34 34.66 -26.57 -17.48
CA ASN B 34 34.50 -28.02 -17.57
C ASN B 34 35.11 -28.70 -16.35
N GLN B 35 36.22 -28.18 -15.85
CA GLN B 35 36.83 -28.73 -14.64
C GLN B 35 35.87 -28.61 -13.46
N ILE B 36 35.24 -27.45 -13.30
CA ILE B 36 34.32 -27.25 -12.20
C ILE B 36 33.07 -28.12 -12.37
N ARG B 37 32.60 -28.26 -13.61
CA ARG B 37 31.45 -29.12 -13.87
C ARG B 37 31.76 -30.57 -13.53
N ASP B 38 32.95 -31.04 -13.91
CA ASP B 38 33.34 -32.41 -13.58
C ASP B 38 33.52 -32.60 -12.09
N ALA B 39 34.06 -31.59 -11.39
CA ALA B 39 34.20 -31.68 -9.94
C ALA B 39 32.83 -31.75 -9.28
N ARG B 40 31.87 -30.97 -9.75
CA ARG B 40 30.51 -31.04 -9.21
C ARG B 40 29.88 -32.40 -9.49
N LYS B 41 30.06 -32.92 -10.71
CA LYS B 41 29.50 -34.22 -11.05
C LYS B 41 30.12 -35.34 -10.20
N ALA B 42 31.41 -35.22 -9.88
CA ALA B 42 32.06 -36.21 -9.04
C ALA B 42 31.42 -36.26 -7.66
N CYS B 43 31.11 -35.11 -7.10
CA CYS B 43 30.47 -35.05 -5.78
C CYS B 43 28.98 -35.34 -5.84
N ALA B 44 28.39 -35.41 -7.04
CA ALA B 44 26.97 -35.68 -7.17
C ALA B 44 26.67 -37.17 -7.09
N ASP B 45 27.13 -37.81 -6.01
CA ASP B 45 26.96 -39.26 -5.87
C ASP B 45 25.50 -39.63 -5.75
N ALA B 46 24.71 -38.88 -4.98
CA ALA B 46 23.31 -39.20 -4.78
C ALA B 46 22.52 -37.91 -4.62
N THR B 47 21.44 -37.79 -5.40
CA THR B 47 20.59 -36.60 -5.32
C THR B 47 19.91 -36.52 -3.96
N LEU B 48 19.64 -35.28 -3.52
CA LEU B 48 18.97 -35.08 -2.25
C LEU B 48 17.59 -35.72 -2.24
N SER B 49 16.95 -35.82 -3.41
CA SER B 49 15.66 -36.50 -3.49
C SER B 49 15.79 -37.96 -3.13
N GLN B 50 16.85 -38.63 -3.59
CA GLN B 50 17.06 -40.03 -3.26
C GLN B 50 17.24 -40.23 -1.77
N ILE B 51 18.01 -39.34 -1.13
CA ILE B 51 18.35 -39.52 0.28
C ILE B 51 17.14 -39.31 1.16
N THR B 52 16.31 -38.32 0.84
CA THR B 52 15.18 -37.95 1.68
C THR B 52 13.86 -38.57 1.21
N ASN B 53 13.91 -39.76 0.61
CA ASN B 53 12.68 -40.49 0.35
C ASN B 53 12.14 -41.15 1.61
N ASN B 54 13.02 -41.65 2.47
CA ASN B 54 12.61 -42.36 3.67
C ASN B 54 12.12 -41.45 4.77
N ILE B 55 12.42 -40.16 4.71
CA ILE B 55 11.99 -39.23 5.76
C ILE B 55 10.48 -39.02 5.64
N ASP B 56 9.82 -38.86 6.77
CA ASP B 56 8.37 -38.75 6.80
C ASP B 56 7.95 -37.43 6.15
N PRO B 57 7.15 -37.47 5.08
CA PRO B 57 6.72 -36.22 4.46
C PRO B 57 5.68 -35.51 5.30
N VAL B 58 5.79 -34.19 5.36
CA VAL B 58 4.72 -33.37 5.93
C VAL B 58 3.58 -33.32 4.94
N GLY B 59 2.39 -33.71 5.36
CA GLY B 59 1.30 -33.90 4.44
C GLY B 59 0.75 -32.63 3.82
N ARG B 60 0.09 -31.81 4.64
CA ARG B 60 -0.57 -30.60 4.13
C ARG B 60 -0.71 -29.62 5.29
N ILE B 61 0.17 -28.64 5.34
CA ILE B 61 0.10 -27.60 6.37
C ILE B 61 -0.99 -26.61 5.99
N GLN B 62 -1.81 -26.24 6.97
CA GLN B 62 -2.94 -25.33 6.75
C GLN B 62 -2.65 -24.04 7.51
N MET B 63 -1.96 -23.13 6.83
CA MET B 63 -1.63 -21.83 7.40
C MET B 63 -2.73 -20.83 7.07
N ARG B 64 -3.27 -20.18 8.08
CA ARG B 64 -4.36 -19.24 7.90
C ARG B 64 -3.84 -17.83 8.12
N THR B 65 -4.37 -16.87 7.35
CA THR B 65 -4.03 -15.48 7.55
C THR B 65 -4.46 -15.03 8.94
N ARG B 66 -3.50 -14.81 9.82
CA ARG B 66 -3.82 -14.32 11.16
C ARG B 66 -4.08 -12.83 11.15
N ARG B 67 -3.14 -12.07 10.59
CA ARG B 67 -3.27 -10.63 10.48
C ARG B 67 -3.19 -10.24 9.02
N THR B 68 -3.95 -9.21 8.66
CA THR B 68 -3.83 -8.55 7.37
C THR B 68 -3.43 -7.11 7.62
N LEU B 69 -2.29 -6.72 7.09
CA LEU B 69 -1.76 -5.38 7.30
C LEU B 69 -2.23 -4.50 6.15
N ARG B 70 -3.14 -3.58 6.46
CA ARG B 70 -3.71 -2.66 5.50
C ARG B 70 -3.25 -1.25 5.81
N GLY B 71 -3.01 -0.47 4.77
CA GLY B 71 -2.50 0.88 4.94
C GLY B 71 -1.57 1.29 3.83
N HIS B 72 -1.08 0.33 3.07
CA HIS B 72 -0.33 0.64 1.87
C HIS B 72 -1.31 0.87 0.72
N LEU B 73 -1.04 1.89 -0.08
CA LEU B 73 -1.94 2.31 -1.13
C LEU B 73 -1.42 1.99 -2.52
N ALA B 74 -0.23 1.43 -2.64
CA ALA B 74 0.32 1.01 -3.92
C ALA B 74 0.91 -0.38 -3.73
N LYS B 75 1.59 -0.86 -4.77
CA LYS B 75 2.16 -2.20 -4.72
C LYS B 75 3.27 -2.27 -3.67
N ILE B 76 3.23 -3.31 -2.85
CA ILE B 76 4.26 -3.56 -1.85
C ILE B 76 5.39 -4.33 -2.53
N TYR B 77 6.58 -3.75 -2.51
CA TYR B 77 7.72 -4.37 -3.19
C TYR B 77 8.67 -5.10 -2.26
N ALA B 78 8.72 -4.72 -0.99
CA ALA B 78 9.60 -5.41 -0.06
C ALA B 78 9.08 -5.28 1.36
N MET B 79 9.18 -6.37 2.10
CA MET B 79 9.00 -6.39 3.54
C MET B 79 10.21 -7.03 4.19
N HIS B 80 10.48 -6.66 5.43
CA HIS B 80 11.52 -7.33 6.21
C HIS B 80 11.09 -7.43 7.65
N TRP B 81 11.28 -8.61 8.24
CA TRP B 81 10.93 -8.85 9.62
C TRP B 81 11.97 -8.30 10.58
N GLY B 82 11.50 -7.79 11.70
CA GLY B 82 12.40 -7.47 12.79
C GLY B 82 12.95 -8.73 13.45
N THR B 83 14.13 -8.58 14.06
CA THR B 83 14.71 -9.71 14.76
C THR B 83 13.92 -10.10 16.00
N ASP B 84 13.06 -9.21 16.51
CA ASP B 84 12.17 -9.59 17.60
C ASP B 84 10.95 -10.36 17.13
N SER B 85 10.83 -10.59 15.82
CA SER B 85 9.77 -11.40 15.22
C SER B 85 8.40 -10.79 15.40
N ARG B 86 8.33 -9.52 15.77
CA ARG B 86 7.07 -8.82 15.96
C ARG B 86 6.93 -7.61 15.06
N LEU B 87 7.97 -6.81 14.92
CA LEU B 87 7.96 -5.67 14.04
C LEU B 87 8.42 -6.09 12.65
N LEU B 88 7.75 -5.54 11.63
CA LEU B 88 8.19 -5.73 10.27
C LEU B 88 8.03 -4.42 9.51
N VAL B 89 9.02 -4.10 8.70
CA VAL B 89 8.98 -2.93 7.84
C VAL B 89 8.54 -3.39 6.46
N SER B 90 7.79 -2.54 5.78
CA SER B 90 7.35 -2.84 4.42
C SER B 90 7.55 -1.62 3.55
N ALA B 91 7.93 -1.85 2.30
CA ALA B 91 8.15 -0.80 1.33
C ALA B 91 7.08 -0.89 0.25
N SER B 92 6.50 0.25 -0.10
CA SER B 92 5.48 0.30 -1.13
C SER B 92 5.75 1.47 -2.07
N GLN B 93 5.23 1.33 -3.29
CA GLN B 93 5.43 2.36 -4.31
C GLN B 93 4.71 3.67 -4.00
N ASP B 94 3.83 3.69 -3.01
CA ASP B 94 3.26 4.98 -2.63
C ASP B 94 4.22 5.83 -1.86
N GLY B 95 5.50 5.49 -1.81
CA GLY B 95 6.48 6.31 -1.13
C GLY B 95 6.45 6.22 0.36
N LYS B 96 5.89 5.16 0.91
CA LYS B 96 5.79 4.99 2.35
C LYS B 96 6.53 3.74 2.78
N LEU B 97 7.39 3.89 3.78
CA LEU B 97 7.98 2.78 4.50
C LEU B 97 7.25 2.68 5.83
N ILE B 98 6.52 1.59 6.05
CA ILE B 98 5.67 1.42 7.22
C ILE B 98 6.26 0.33 8.09
N ILE B 99 6.36 0.61 9.39
CA ILE B 99 6.77 -0.38 10.37
C ILE B 99 5.53 -0.86 11.10
N TRP B 100 5.23 -2.14 10.99
CA TRP B 100 4.03 -2.72 11.55
C TRP B 100 4.33 -3.49 12.82
N ASP B 101 3.43 -3.39 13.78
CA ASP B 101 3.42 -4.27 14.94
C ASP B 101 2.52 -5.45 14.58
N SER B 102 3.13 -6.50 14.04
CA SER B 102 2.35 -7.59 13.46
C SER B 102 1.45 -8.29 14.47
N TYR B 103 1.80 -8.26 15.75
CA TYR B 103 0.93 -8.88 16.75
C TYR B 103 -0.40 -8.16 16.84
N THR B 104 -0.38 -6.83 16.80
CA THR B 104 -1.58 -6.02 16.93
C THR B 104 -2.01 -5.35 15.62
N THR B 105 -1.20 -5.45 14.58
CA THR B 105 -1.36 -4.78 13.28
C THR B 105 -1.21 -3.27 13.37
N ASN B 106 -0.79 -2.74 14.52
CA ASN B 106 -0.60 -1.31 14.64
C ASN B 106 0.57 -0.86 13.78
N LYS B 107 0.49 0.36 13.28
CA LYS B 107 1.58 0.97 12.52
C LYS B 107 2.47 1.74 13.48
N VAL B 108 3.67 1.22 13.70
CA VAL B 108 4.62 1.87 14.60
C VAL B 108 5.13 3.17 13.99
N HIS B 109 5.55 3.13 12.73
CA HIS B 109 5.99 4.31 12.01
C HIS B 109 5.50 4.23 10.57
N ALA B 110 5.31 5.40 9.97
CA ALA B 110 5.10 5.52 8.53
C ALA B 110 6.16 6.48 8.02
N ILE B 111 7.12 5.96 7.30
CA ILE B 111 8.30 6.71 6.88
C ILE B 111 8.05 7.23 5.46
N PRO B 112 8.02 8.54 5.24
CA PRO B 112 7.89 9.06 3.88
C PRO B 112 9.26 9.09 3.20
N LEU B 113 9.31 8.52 2.00
CA LEU B 113 10.56 8.41 1.27
C LEU B 113 10.72 9.57 0.30
N ARG B 114 11.97 9.99 0.09
CA ARG B 114 12.24 11.00 -0.92
C ARG B 114 11.89 10.49 -2.32
N SER B 115 12.22 9.24 -2.60
CA SER B 115 11.88 8.60 -3.86
C SER B 115 10.87 7.50 -3.59
N SER B 116 9.71 7.60 -4.22
CA SER B 116 8.66 6.61 -4.02
C SER B 116 8.95 5.30 -4.72
N TRP B 117 10.00 5.23 -5.52
CA TRP B 117 10.31 4.05 -6.32
C TRP B 117 11.22 3.10 -5.55
N VAL B 118 10.72 2.69 -4.39
CA VAL B 118 11.44 1.79 -3.50
C VAL B 118 11.08 0.35 -3.84
N MET B 119 12.09 -0.46 -4.10
CA MET B 119 11.87 -1.88 -4.35
C MET B 119 12.63 -2.78 -3.39
N THR B 120 13.17 -2.22 -2.31
CA THR B 120 13.80 -3.03 -1.28
C THR B 120 13.72 -2.30 0.05
N CYS B 121 13.59 -3.08 1.11
CA CYS B 121 13.63 -2.57 2.46
C CYS B 121 14.27 -3.61 3.36
N ALA B 122 15.10 -3.15 4.28
CA ALA B 122 15.71 -4.00 5.28
C ALA B 122 15.50 -3.36 6.64
N TYR B 123 15.32 -4.20 7.65
CA TYR B 123 15.12 -3.73 9.01
C TYR B 123 16.36 -4.18 9.77
N ALA B 124 17.02 -3.25 10.44
CA ALA B 124 18.30 -3.58 11.06
C ALA B 124 18.11 -4.67 12.12
N PRO B 125 19.09 -5.57 12.28
CA PRO B 125 18.95 -6.60 13.32
C PRO B 125 18.80 -6.02 14.71
N SER B 126 19.44 -4.87 14.98
CA SER B 126 19.24 -4.19 16.25
C SER B 126 17.90 -3.49 16.32
N GLY B 127 17.24 -3.29 15.19
CA GLY B 127 15.98 -2.59 15.15
C GLY B 127 16.09 -1.07 15.21
N ASN B 128 17.30 -0.53 15.22
CA ASN B 128 17.49 0.91 15.32
C ASN B 128 17.40 1.61 13.98
N TYR B 129 17.46 0.87 12.88
CA TYR B 129 17.48 1.46 11.55
C TYR B 129 16.65 0.63 10.60
N VAL B 130 16.17 1.28 9.55
CA VAL B 130 15.67 0.59 8.37
C VAL B 130 16.38 1.19 7.16
N ALA B 131 16.54 0.37 6.13
CA ALA B 131 17.08 0.81 4.86
C ALA B 131 16.01 0.64 3.79
N CYS B 132 16.04 1.51 2.80
CA CYS B 132 15.21 1.34 1.63
C CYS B 132 15.95 1.89 0.43
N GLY B 133 15.64 1.35 -0.74
CA GLY B 133 16.25 1.84 -1.96
C GLY B 133 15.44 1.37 -3.15
N GLY B 134 15.84 1.84 -4.32
CA GLY B 134 15.14 1.48 -5.54
C GLY B 134 15.67 2.20 -6.74
N LEU B 135 14.76 2.77 -7.53
CA LEU B 135 15.13 3.41 -8.79
C LEU B 135 15.93 4.68 -8.60
N ASP B 136 16.05 5.19 -7.38
CA ASP B 136 16.87 6.36 -7.13
C ASP B 136 18.35 6.03 -7.01
N ASN B 137 18.71 4.75 -7.06
CA ASN B 137 20.10 4.29 -6.96
C ASN B 137 20.72 4.62 -5.62
N ILE B 138 19.91 4.88 -4.60
CA ILE B 138 20.37 5.26 -3.28
C ILE B 138 19.75 4.31 -2.27
N CYS B 139 20.57 3.78 -1.37
CA CYS B 139 20.08 3.09 -0.20
C CYS B 139 20.03 4.09 0.95
N SER B 140 18.83 4.42 1.39
CA SER B 140 18.63 5.40 2.45
C SER B 140 18.48 4.67 3.78
N ILE B 141 19.27 5.09 4.76
CA ILE B 141 19.24 4.54 6.10
C ILE B 141 18.42 5.48 6.98
N TYR B 142 17.41 4.94 7.66
CA TYR B 142 16.50 5.71 8.47
C TYR B 142 16.73 5.38 9.93
N ASN B 143 16.86 6.40 10.75
CA ASN B 143 17.07 6.24 12.19
C ASN B 143 15.70 6.12 12.85
N LEU B 144 15.32 4.91 13.23
CA LEU B 144 14.02 4.69 13.85
C LEU B 144 13.97 5.27 15.26
N LYS B 145 15.05 5.14 16.01
CA LYS B 145 15.10 5.56 17.40
C LYS B 145 15.91 6.86 17.46
N THR B 146 15.22 7.97 17.26
CA THR B 146 15.79 9.30 17.35
C THR B 146 15.32 9.97 18.63
N ARG B 147 16.10 10.94 19.09
CA ARG B 147 15.68 11.73 20.24
C ARG B 147 14.41 12.50 19.93
N GLU B 148 14.30 13.02 18.71
CA GLU B 148 13.03 13.50 18.21
C GLU B 148 12.13 12.31 17.88
N GLY B 149 10.83 12.54 17.94
CA GLY B 149 9.93 11.43 17.76
C GLY B 149 9.69 10.99 16.34
N ASN B 150 10.43 11.54 15.39
CA ASN B 150 10.28 11.21 13.98
C ASN B 150 11.39 10.27 13.53
N VAL B 151 11.13 9.54 12.46
CA VAL B 151 12.14 8.77 11.77
C VAL B 151 12.75 9.64 10.69
N ARG B 152 14.07 9.80 10.72
CA ARG B 152 14.76 10.67 9.79
C ARG B 152 15.80 9.87 9.02
N VAL B 153 16.13 10.35 7.82
CA VAL B 153 17.10 9.68 6.97
C VAL B 153 18.48 9.89 7.61
N SER B 154 19.03 8.83 8.19
CA SER B 154 20.34 8.97 8.83
C SER B 154 21.47 9.03 7.82
N ARG B 155 21.32 8.35 6.68
CA ARG B 155 22.43 8.22 5.75
C ARG B 155 21.88 7.84 4.38
N GLU B 156 22.29 8.57 3.35
CA GLU B 156 21.92 8.25 1.97
C GLU B 156 23.15 7.67 1.28
N LEU B 157 23.11 6.38 1.00
CA LEU B 157 24.27 5.65 0.47
C LEU B 157 24.24 5.70 -1.05
N ALA B 158 24.80 6.76 -1.62
CA ALA B 158 24.93 6.90 -3.06
C ALA B 158 26.25 6.27 -3.50
N GLY B 159 26.27 5.82 -4.74
CA GLY B 159 27.43 5.14 -5.27
C GLY B 159 27.07 4.03 -6.24
N HIS B 160 25.83 3.59 -6.19
CA HIS B 160 25.32 2.61 -7.14
C HIS B 160 24.81 3.33 -8.38
N THR B 161 25.08 2.75 -9.54
CA THR B 161 24.61 3.31 -10.81
C THR B 161 23.40 2.57 -11.35
N GLY B 162 22.87 1.59 -10.62
CA GLY B 162 21.62 0.94 -10.97
C GLY B 162 20.68 0.94 -9.77
N TYR B 163 19.47 0.47 -10.02
CA TYR B 163 18.47 0.45 -8.96
C TYR B 163 18.91 -0.47 -7.83
N LEU B 164 18.57 -0.08 -6.61
CA LEU B 164 18.83 -0.91 -5.45
C LEU B 164 17.79 -2.01 -5.38
N SER B 165 18.18 -3.22 -5.74
CA SER B 165 17.25 -4.34 -5.77
C SER B 165 17.14 -5.05 -4.43
N CYS B 166 18.18 -4.97 -3.60
CA CYS B 166 18.14 -5.55 -2.26
C CYS B 166 19.15 -4.84 -1.39
N CYS B 167 18.91 -4.90 -0.09
CA CYS B 167 19.83 -4.37 0.90
C CYS B 167 19.62 -5.18 2.18
N ARG B 168 20.72 -5.43 2.90
CA ARG B 168 20.65 -6.20 4.13
C ARG B 168 21.68 -5.63 5.10
N PHE B 169 21.24 -5.37 6.33
CA PHE B 169 22.15 -4.87 7.35
C PHE B 169 23.03 -5.98 7.86
N LEU B 170 24.34 -5.75 7.89
CA LEU B 170 25.23 -6.62 8.65
C LEU B 170 25.14 -6.30 10.14
N ASP B 171 25.25 -5.03 10.47
CA ASP B 171 25.01 -4.51 11.81
C ASP B 171 24.52 -3.08 11.65
N ASP B 172 24.58 -2.31 12.74
CA ASP B 172 24.12 -0.92 12.67
C ASP B 172 24.95 -0.09 11.71
N ASN B 173 26.19 -0.48 11.43
CA ASN B 173 27.10 0.32 10.62
C ASN B 173 27.44 -0.30 9.28
N GLN B 174 27.33 -1.62 9.14
CA GLN B 174 27.64 -2.31 7.90
C GLN B 174 26.34 -2.72 7.23
N ILE B 175 26.18 -2.40 5.96
CA ILE B 175 25.04 -2.83 5.17
C ILE B 175 25.53 -3.25 3.79
N VAL B 176 25.08 -4.41 3.31
CA VAL B 176 25.38 -4.86 1.97
C VAL B 176 24.17 -4.60 1.10
N THR B 177 24.39 -4.00 -0.06
CA THR B 177 23.31 -3.61 -0.96
C THR B 177 23.59 -4.17 -2.34
N SER B 178 22.66 -4.96 -2.86
CA SER B 178 22.71 -5.39 -4.25
C SER B 178 22.04 -4.35 -5.12
N SER B 179 22.47 -4.29 -6.38
CA SER B 179 21.98 -3.25 -7.27
C SER B 179 21.77 -3.81 -8.67
N GLY B 180 21.06 -3.03 -9.47
CA GLY B 180 20.87 -3.34 -10.87
C GLY B 180 22.03 -2.93 -11.74
N ASP B 181 23.09 -2.39 -11.15
CA ASP B 181 24.32 -2.10 -11.88
C ASP B 181 25.26 -3.30 -11.92
N THR B 182 24.73 -4.50 -11.65
CA THR B 182 25.42 -5.78 -11.66
C THR B 182 26.42 -5.93 -10.52
N THR B 183 26.53 -4.96 -9.61
CA THR B 183 27.48 -5.03 -8.52
C THR B 183 26.77 -4.87 -7.18
N CYS B 184 27.06 -5.77 -6.26
CA CYS B 184 26.74 -5.57 -4.85
C CYS B 184 27.79 -4.68 -4.21
N ALA B 185 27.48 -4.16 -3.02
CA ALA B 185 28.41 -3.29 -2.34
C ALA B 185 28.20 -3.40 -0.84
N LEU B 186 29.30 -3.44 -0.10
CA LEU B 186 29.28 -3.36 1.35
C LEU B 186 29.56 -1.92 1.75
N TRP B 187 28.73 -1.37 2.63
CA TRP B 187 28.79 0.03 2.96
C TRP B 187 29.16 0.24 4.42
N ASP B 188 29.82 1.35 4.69
CA ASP B 188 30.04 1.84 6.04
C ASP B 188 29.10 3.02 6.23
N ILE B 189 28.05 2.81 7.03
CA ILE B 189 26.98 3.80 7.10
C ILE B 189 27.48 5.11 7.68
N GLU B 190 28.32 5.05 8.71
CA GLU B 190 28.79 6.29 9.34
C GLU B 190 29.59 7.14 8.37
N THR B 191 30.42 6.51 7.54
CA THR B 191 31.16 7.25 6.52
C THR B 191 30.38 7.42 5.23
N GLY B 192 29.48 6.48 4.93
CA GLY B 192 28.71 6.54 3.71
C GLY B 192 29.42 5.96 2.50
N GLN B 193 30.64 5.47 2.65
CA GLN B 193 31.45 5.04 1.54
C GLN B 193 31.34 3.53 1.36
N GLN B 194 31.48 3.08 0.12
CA GLN B 194 31.50 1.66 -0.18
C GLN B 194 32.77 1.07 0.41
N THR B 195 32.62 0.35 1.53
CA THR B 195 33.77 -0.34 2.11
C THR B 195 34.28 -1.40 1.15
N THR B 196 33.37 -2.13 0.50
CA THR B 196 33.75 -3.16 -0.44
C THR B 196 32.72 -3.20 -1.57
N THR B 197 33.19 -3.46 -2.78
CA THR B 197 32.34 -3.61 -3.95
C THR B 197 32.45 -5.04 -4.45
N PHE B 198 31.32 -5.65 -4.72
CA PHE B 198 31.26 -7.06 -5.11
C PHE B 198 30.89 -7.14 -6.59
N THR B 199 31.91 -7.10 -7.44
CA THR B 199 31.73 -7.22 -8.87
C THR B 199 31.93 -8.66 -9.31
N GLY B 200 31.34 -9.00 -10.45
CA GLY B 200 31.43 -10.34 -10.97
C GLY B 200 30.13 -10.79 -11.62
N HIS B 201 29.02 -10.23 -11.18
CA HIS B 201 27.75 -10.49 -11.83
C HIS B 201 27.71 -9.78 -13.17
N THR B 202 27.26 -10.50 -14.20
CA THR B 202 27.09 -9.89 -15.51
C THR B 202 25.71 -9.30 -15.70
N GLY B 203 24.68 -9.91 -15.11
CA GLY B 203 23.34 -9.36 -15.11
C GLY B 203 23.07 -8.53 -13.87
N ASP B 204 21.87 -7.98 -13.83
CA ASP B 204 21.47 -7.08 -12.76
C ASP B 204 21.19 -7.87 -11.50
N VAL B 205 21.88 -7.55 -10.42
CA VAL B 205 21.73 -8.29 -9.17
C VAL B 205 20.38 -7.93 -8.56
N MET B 206 19.58 -8.95 -8.26
CA MET B 206 18.20 -8.72 -7.86
C MET B 206 17.89 -9.12 -6.43
N SER B 207 18.78 -9.81 -5.74
CA SER B 207 18.49 -10.25 -4.39
C SER B 207 19.78 -10.43 -3.60
N LEU B 208 19.64 -10.40 -2.28
CA LEU B 208 20.71 -10.75 -1.37
C LEU B 208 20.16 -11.65 -0.27
N SER B 209 21.06 -12.41 0.32
CA SER B 209 20.78 -13.14 1.54
C SER B 209 22.06 -13.17 2.35
N LEU B 210 22.03 -12.63 3.55
CA LEU B 210 23.16 -12.74 4.46
C LEU B 210 23.17 -14.11 5.12
N ALA B 211 24.37 -14.64 5.32
CA ALA B 211 24.48 -15.88 6.07
C ALA B 211 24.17 -15.63 7.54
N PRO B 212 23.71 -16.67 8.26
CA PRO B 212 23.43 -16.49 9.69
C PRO B 212 24.60 -15.94 10.48
N ASP B 213 25.83 -16.33 10.15
CA ASP B 213 27.00 -15.76 10.80
C ASP B 213 27.42 -14.43 10.17
N THR B 214 26.77 -14.00 9.10
CA THR B 214 27.02 -12.73 8.41
C THR B 214 28.45 -12.58 7.92
N ARG B 215 29.22 -13.67 7.89
CA ARG B 215 30.57 -13.62 7.36
C ARG B 215 30.60 -13.60 5.83
N LEU B 216 29.50 -14.00 5.20
CA LEU B 216 29.46 -14.11 3.75
C LEU B 216 28.01 -14.11 3.31
N PHE B 217 27.78 -13.79 2.04
CA PHE B 217 26.42 -13.68 1.53
C PHE B 217 26.34 -14.17 0.10
N VAL B 218 25.16 -14.64 -0.29
CA VAL B 218 24.86 -14.99 -1.67
C VAL B 218 24.10 -13.83 -2.31
N SER B 219 24.11 -13.82 -3.64
CA SER B 219 23.40 -12.80 -4.40
C SER B 219 23.02 -13.38 -5.74
N GLY B 220 21.73 -13.29 -6.08
CA GLY B 220 21.25 -13.72 -7.39
C GLY B 220 21.10 -12.51 -8.31
N ALA B 221 21.33 -12.74 -9.59
CA ALA B 221 21.27 -11.67 -10.57
C ALA B 221 20.41 -12.11 -11.75
N CYS B 222 20.23 -11.19 -12.69
CA CYS B 222 19.49 -11.49 -13.90
C CYS B 222 20.25 -12.40 -14.85
N ASP B 223 21.53 -12.65 -14.59
CA ASP B 223 22.32 -13.58 -15.39
C ASP B 223 22.10 -15.03 -14.99
N ALA B 224 21.04 -15.31 -14.24
CA ALA B 224 20.65 -16.68 -13.84
C ALA B 224 21.76 -17.38 -13.08
N SER B 225 22.57 -16.61 -12.35
CA SER B 225 23.68 -17.16 -11.57
C SER B 225 23.65 -16.58 -10.18
N ALA B 226 23.81 -17.45 -9.18
CA ALA B 226 23.91 -17.03 -7.79
C ALA B 226 25.36 -17.14 -7.36
N LYS B 227 25.93 -16.03 -6.89
CA LYS B 227 27.32 -15.98 -6.48
C LYS B 227 27.42 -15.81 -4.97
N LEU B 228 28.42 -16.47 -4.39
CA LEU B 228 28.67 -16.45 -2.96
C LEU B 228 29.83 -15.52 -2.68
N TRP B 229 29.60 -14.53 -1.82
CA TRP B 229 30.56 -13.46 -1.59
C TRP B 229 31.01 -13.45 -0.14
N ASP B 230 32.32 -13.36 0.06
CA ASP B 230 32.86 -13.16 1.41
C ASP B 230 32.83 -11.68 1.74
N VAL B 231 32.14 -11.32 2.83
CA VAL B 231 31.92 -9.91 3.15
C VAL B 231 33.24 -9.22 3.46
N ARG B 232 34.06 -9.83 4.30
CA ARG B 232 35.23 -9.13 4.83
C ARG B 232 36.31 -8.93 3.77
N GLU B 233 36.68 -9.97 3.03
CA GLU B 233 37.70 -9.78 2.01
C GLU B 233 37.11 -9.23 0.72
N GLY B 234 35.84 -9.54 0.43
CA GLY B 234 35.15 -8.91 -0.65
C GLY B 234 35.24 -9.59 -2.00
N MET B 235 35.49 -10.89 -2.06
CA MET B 235 35.60 -11.55 -3.34
C MET B 235 34.70 -12.79 -3.33
N CYS B 236 34.41 -13.31 -4.52
CA CYS B 236 33.39 -14.34 -4.72
C CYS B 236 33.97 -15.73 -4.48
N ARG B 237 33.46 -16.42 -3.45
CA ARG B 237 33.75 -17.83 -3.29
C ARG B 237 33.26 -18.67 -4.46
N GLN B 238 31.95 -18.72 -4.68
CA GLN B 238 31.36 -19.70 -5.56
C GLN B 238 30.33 -19.06 -6.47
N THR B 239 30.05 -19.73 -7.57
CA THR B 239 29.00 -19.34 -8.50
C THR B 239 28.12 -20.55 -8.76
N PHE B 240 26.81 -20.36 -8.64
CA PHE B 240 25.85 -21.44 -8.80
C PHE B 240 24.95 -21.10 -9.99
N THR B 241 25.03 -21.92 -11.03
CA THR B 241 24.30 -21.69 -12.28
C THR B 241 23.42 -22.89 -12.56
N GLY B 242 22.16 -22.81 -12.17
CA GLY B 242 21.21 -23.86 -12.46
C GLY B 242 19.90 -23.34 -13.00
N HIS B 243 19.72 -22.02 -12.93
CA HIS B 243 18.46 -21.40 -13.31
C HIS B 243 18.47 -21.02 -14.79
N GLU B 244 17.27 -20.98 -15.37
CA GLU B 244 17.10 -20.65 -16.77
C GLU B 244 16.61 -19.23 -17.00
N SER B 245 16.32 -18.48 -15.94
CA SER B 245 15.83 -17.12 -16.07
C SER B 245 16.42 -16.27 -14.95
N ASP B 246 15.98 -15.03 -14.86
CA ASP B 246 16.51 -14.10 -13.88
C ASP B 246 16.16 -14.57 -12.48
N ILE B 247 17.11 -14.42 -11.55
CA ILE B 247 16.90 -14.81 -10.16
C ILE B 247 16.35 -13.61 -9.41
N ASN B 248 15.09 -13.72 -8.98
CA ASN B 248 14.44 -12.62 -8.27
C ASN B 248 14.62 -12.70 -6.77
N ALA B 249 14.87 -13.88 -6.24
CA ALA B 249 14.87 -14.10 -4.80
C ALA B 249 15.94 -15.11 -4.40
N ILE B 250 16.52 -14.90 -3.23
CA ILE B 250 17.55 -15.78 -2.70
C ILE B 250 17.47 -15.79 -1.19
N CYS B 251 17.77 -16.93 -0.58
CA CYS B 251 17.70 -17.08 0.87
C CYS B 251 18.54 -18.27 1.30
N PHE B 252 19.41 -18.09 2.30
CA PHE B 252 20.07 -19.23 2.92
C PHE B 252 19.14 -20.15 3.69
N PHE B 253 19.51 -21.42 3.67
CA PHE B 253 19.03 -22.38 4.66
C PHE B 253 19.46 -21.89 6.04
N PRO B 254 18.67 -22.19 7.07
CA PRO B 254 18.97 -21.62 8.40
C PRO B 254 20.36 -21.94 8.93
N ASN B 255 20.96 -23.06 8.52
CA ASN B 255 22.31 -23.36 8.99
C ASN B 255 23.39 -22.61 8.25
N GLY B 256 23.05 -21.94 7.15
CA GLY B 256 24.02 -21.19 6.38
C GLY B 256 24.87 -22.01 5.43
N ASN B 257 24.63 -23.32 5.34
CA ASN B 257 25.38 -24.19 4.46
C ASN B 257 24.68 -24.42 3.12
N ALA B 258 23.52 -23.82 2.90
CA ALA B 258 22.80 -23.96 1.66
C ALA B 258 21.94 -22.71 1.47
N PHE B 259 21.43 -22.54 0.26
CA PHE B 259 20.52 -21.44 0.00
C PHE B 259 19.57 -21.81 -1.12
N ALA B 260 18.39 -21.21 -1.10
CA ALA B 260 17.37 -21.41 -2.12
C ALA B 260 17.18 -20.13 -2.91
N THR B 261 17.03 -20.28 -4.22
CA THR B 261 16.84 -19.16 -5.13
C THR B 261 15.43 -19.18 -5.70
N GLY B 262 15.01 -18.03 -6.22
CA GLY B 262 13.74 -17.93 -6.91
C GLY B 262 13.90 -17.21 -8.22
N SER B 263 13.60 -17.89 -9.32
CA SER B 263 13.83 -17.33 -10.64
C SER B 263 12.52 -17.17 -11.39
N ASP B 264 12.59 -16.44 -12.50
CA ASP B 264 11.42 -16.17 -13.32
C ASP B 264 10.91 -17.40 -14.06
N ASP B 265 11.67 -18.50 -14.05
CA ASP B 265 11.29 -19.70 -14.78
C ASP B 265 10.43 -20.66 -13.95
N ALA B 266 9.71 -20.13 -12.95
CA ALA B 266 8.82 -20.93 -12.11
C ALA B 266 9.58 -22.05 -11.41
N THR B 267 10.82 -21.81 -11.04
CA THR B 267 11.67 -22.81 -10.42
C THR B 267 12.38 -22.23 -9.22
N CYS B 268 12.36 -22.96 -8.11
CA CYS B 268 13.20 -22.70 -6.96
C CYS B 268 14.24 -23.81 -6.87
N ARG B 269 15.48 -23.43 -6.58
CA ARG B 269 16.56 -24.38 -6.50
C ARG B 269 17.31 -24.21 -5.18
N LEU B 270 17.72 -25.34 -4.61
CA LEU B 270 18.49 -25.36 -3.37
C LEU B 270 19.93 -25.67 -3.72
N PHE B 271 20.81 -24.68 -3.57
CA PHE B 271 22.23 -24.83 -3.82
C PHE B 271 22.95 -24.95 -2.49
N ASP B 272 23.92 -25.86 -2.42
CA ASP B 272 24.69 -26.08 -1.20
C ASP B 272 26.04 -25.39 -1.32
N LEU B 273 26.42 -24.66 -0.26
CA LEU B 273 27.69 -23.95 -0.28
C LEU B 273 28.86 -24.92 -0.38
N ARG B 274 28.90 -25.92 0.51
CA ARG B 274 30.04 -26.82 0.55
C ARG B 274 30.05 -27.76 -0.64
N ALA B 275 28.91 -28.35 -0.99
CA ALA B 275 28.84 -29.23 -2.14
C ALA B 275 29.05 -28.49 -3.45
N ASP B 276 28.88 -27.17 -3.46
CA ASP B 276 29.09 -26.34 -4.65
C ASP B 276 28.23 -26.83 -5.81
N GLN B 277 26.98 -27.18 -5.52
CA GLN B 277 26.12 -27.74 -6.56
C GLN B 277 24.67 -27.62 -6.13
N GLU B 278 23.78 -27.58 -7.12
CA GLU B 278 22.35 -27.59 -6.85
C GLU B 278 21.94 -28.94 -6.29
N LEU B 279 21.09 -28.92 -5.26
CA LEU B 279 20.67 -30.15 -4.60
C LEU B 279 19.26 -30.57 -4.97
N MET B 280 18.30 -29.64 -4.97
CA MET B 280 16.94 -29.99 -5.34
C MET B 280 16.27 -28.82 -6.04
N THR B 281 15.33 -29.15 -6.91
CA THR B 281 14.55 -28.19 -7.69
C THR B 281 13.10 -28.25 -7.24
N TYR B 282 12.54 -27.10 -6.89
CA TYR B 282 11.16 -27.00 -6.42
C TYR B 282 10.31 -26.43 -7.54
N SER B 283 9.91 -27.33 -8.45
CA SER B 283 9.17 -26.94 -9.64
C SER B 283 7.94 -27.81 -9.79
N HIS B 284 6.87 -27.21 -10.29
CA HIS B 284 5.62 -27.91 -10.59
C HIS B 284 5.17 -27.52 -11.98
N ASP B 285 4.74 -28.51 -12.76
CA ASP B 285 4.28 -28.22 -14.13
C ASP B 285 3.07 -27.31 -14.14
N ASN B 286 2.33 -27.23 -13.04
CA ASN B 286 1.18 -26.36 -12.93
C ASN B 286 1.55 -24.95 -12.51
N ILE B 287 2.84 -24.66 -12.32
CA ILE B 287 3.33 -23.33 -12.02
C ILE B 287 4.19 -22.87 -13.18
N ILE B 288 3.78 -21.78 -13.82
CA ILE B 288 4.55 -21.20 -14.92
C ILE B 288 5.08 -19.81 -14.58
N CYS B 289 4.41 -19.08 -13.69
CA CYS B 289 4.84 -17.76 -13.27
C CYS B 289 6.14 -17.83 -12.48
N GLY B 290 6.91 -16.74 -12.52
CA GLY B 290 8.16 -16.70 -11.80
C GLY B 290 7.99 -16.48 -10.30
N ILE B 291 9.07 -16.74 -9.58
CA ILE B 291 9.11 -16.52 -8.13
C ILE B 291 9.58 -15.10 -7.86
N THR B 292 8.89 -14.43 -6.95
CA THR B 292 9.30 -13.10 -6.52
C THR B 292 10.06 -13.09 -5.22
N SER B 293 9.77 -14.02 -4.31
CA SER B 293 10.42 -14.05 -3.01
C SER B 293 10.51 -15.50 -2.55
N VAL B 294 11.59 -15.82 -1.83
CA VAL B 294 11.74 -17.11 -1.18
C VAL B 294 12.16 -16.88 0.26
N SER B 295 11.77 -17.82 1.13
CA SER B 295 12.19 -17.79 2.51
C SER B 295 12.10 -19.20 3.07
N PHE B 296 12.80 -19.42 4.17
CA PHE B 296 12.90 -20.72 4.82
C PHE B 296 12.26 -20.67 6.19
N SER B 297 11.57 -21.73 6.57
CA SER B 297 11.11 -21.86 7.93
C SER B 297 12.29 -22.06 8.87
N LYS B 298 12.05 -21.87 10.17
CA LYS B 298 13.15 -21.82 11.12
C LYS B 298 13.95 -23.12 11.13
N SER B 299 13.27 -24.27 11.05
CA SER B 299 13.99 -25.54 10.93
C SER B 299 14.56 -25.73 9.54
N GLY B 300 14.09 -24.97 8.55
CA GLY B 300 14.53 -25.12 7.19
C GLY B 300 13.78 -26.14 6.39
N ARG B 301 12.84 -26.88 6.99
CA ARG B 301 12.14 -27.93 6.26
C ARG B 301 11.17 -27.35 5.24
N LEU B 302 10.64 -26.18 5.50
CA LEU B 302 9.71 -25.54 4.58
C LEU B 302 10.41 -24.45 3.80
N LEU B 303 10.31 -24.51 2.48
CA LEU B 303 10.70 -23.43 1.59
C LEU B 303 9.43 -22.74 1.13
N LEU B 304 9.32 -21.44 1.39
CA LEU B 304 8.13 -20.68 1.04
C LEU B 304 8.51 -19.74 -0.09
N ALA B 305 7.82 -19.85 -1.22
CA ALA B 305 8.14 -19.07 -2.40
C ALA B 305 6.91 -18.30 -2.85
N GLY B 306 7.01 -16.98 -2.87
CA GLY B 306 5.99 -16.18 -3.49
C GLY B 306 6.05 -16.31 -5.00
N TYR B 307 4.91 -16.12 -5.64
CA TYR B 307 4.78 -16.37 -7.07
C TYR B 307 4.06 -15.22 -7.73
N ASP B 308 4.11 -15.20 -9.06
CA ASP B 308 3.37 -14.22 -9.83
C ASP B 308 1.92 -14.60 -10.02
N ASP B 309 1.55 -15.86 -9.74
CA ASP B 309 0.17 -16.31 -9.84
C ASP B 309 -0.64 -15.95 -8.60
N PHE B 310 -0.16 -14.97 -7.85
CA PHE B 310 -0.80 -14.25 -6.77
C PHE B 310 -0.74 -14.99 -5.44
N ASN B 311 -0.19 -16.19 -5.36
CA ASN B 311 -0.19 -16.93 -4.11
C ASN B 311 1.19 -17.49 -3.81
N CYS B 312 1.48 -17.62 -2.52
CA CYS B 312 2.70 -18.26 -2.05
C CYS B 312 2.50 -19.76 -1.93
N ASN B 313 3.44 -20.53 -2.45
CA ASN B 313 3.43 -21.98 -2.34
C ASN B 313 4.50 -22.40 -1.35
N VAL B 314 4.12 -23.25 -0.40
CA VAL B 314 5.04 -23.77 0.61
C VAL B 314 5.52 -25.13 0.16
N TRP B 315 6.83 -25.32 0.14
CA TRP B 315 7.45 -26.54 -0.35
C TRP B 315 8.17 -27.25 0.77
N ASP B 316 8.09 -28.58 0.76
CA ASP B 316 8.97 -29.38 1.60
C ASP B 316 10.39 -29.26 1.06
N ALA B 317 11.25 -28.58 1.80
CA ALA B 317 12.58 -28.28 1.29
C ALA B 317 13.41 -29.53 1.05
N LEU B 318 13.00 -30.67 1.62
CA LEU B 318 13.77 -31.89 1.49
C LEU B 318 13.13 -32.92 0.56
N LYS B 319 11.91 -32.67 0.09
CA LYS B 319 11.23 -33.64 -0.78
C LYS B 319 10.63 -33.02 -2.03
N ALA B 320 10.79 -31.72 -2.25
CA ALA B 320 10.23 -31.02 -3.42
C ALA B 320 8.72 -31.19 -3.53
N ASP B 321 8.06 -31.40 -2.40
CA ASP B 321 6.61 -31.54 -2.36
C ASP B 321 6.00 -30.23 -1.89
N ARG B 322 5.00 -29.75 -2.60
CA ARG B 322 4.32 -28.52 -2.21
C ARG B 322 3.47 -28.83 -0.99
N ALA B 323 4.01 -28.54 0.20
CA ALA B 323 3.31 -28.86 1.43
C ALA B 323 2.06 -28.01 1.64
N GLY B 324 1.99 -26.85 1.01
CA GLY B 324 0.83 -25.99 1.18
C GLY B 324 0.91 -24.79 0.27
N VAL B 325 -0.17 -24.03 0.26
CA VAL B 325 -0.28 -22.81 -0.52
C VAL B 325 -0.87 -21.71 0.36
N LEU B 326 -0.29 -20.52 0.29
CA LEU B 326 -0.85 -19.36 0.96
C LEU B 326 -1.60 -18.50 -0.04
N ALA B 327 -2.76 -18.99 -0.46
CA ALA B 327 -3.64 -18.23 -1.31
C ALA B 327 -4.39 -17.19 -0.50
N GLY B 328 -4.67 -16.05 -1.12
CA GLY B 328 -5.32 -14.98 -0.41
C GLY B 328 -4.86 -13.60 -0.83
N HIS B 329 -3.91 -13.53 -1.74
CA HIS B 329 -3.50 -12.27 -2.33
C HIS B 329 -4.13 -12.11 -3.71
N ASP B 330 -4.61 -10.91 -3.99
CA ASP B 330 -5.30 -10.62 -5.25
C ASP B 330 -4.36 -10.01 -6.28
N ASN B 331 -3.06 -10.12 -6.08
CA ASN B 331 -2.08 -9.70 -7.06
C ASN B 331 -0.77 -10.42 -6.75
N ARG B 332 0.24 -10.16 -7.58
CA ARG B 332 1.53 -10.83 -7.45
C ARG B 332 2.09 -10.65 -6.05
N VAL B 333 2.48 -11.77 -5.44
CA VAL B 333 3.10 -11.75 -4.11
C VAL B 333 4.55 -11.36 -4.30
N SER B 334 4.89 -10.13 -3.96
CA SER B 334 6.19 -9.58 -4.30
C SER B 334 7.26 -9.87 -3.27
N CYS B 335 6.88 -10.09 -2.03
CA CYS B 335 7.84 -10.29 -0.95
C CYS B 335 7.22 -11.16 0.12
N LEU B 336 8.06 -11.88 0.84
CA LEU B 336 7.61 -12.63 2.01
C LEU B 336 8.81 -12.91 2.89
N GLY B 337 8.53 -13.16 4.16
CA GLY B 337 9.59 -13.44 5.11
C GLY B 337 9.05 -14.21 6.30
N VAL B 338 9.91 -15.03 6.87
CA VAL B 338 9.59 -15.81 8.06
C VAL B 338 10.28 -15.17 9.25
N THR B 339 9.55 -15.05 10.36
CA THR B 339 10.09 -14.45 11.57
C THR B 339 11.33 -15.20 12.04
N ASP B 340 12.15 -14.52 12.83
CA ASP B 340 13.36 -15.15 13.35
C ASP B 340 13.02 -16.33 14.24
N ASP B 341 12.00 -16.19 15.08
CA ASP B 341 11.55 -17.32 15.89
C ASP B 341 10.75 -18.33 15.07
N GLY B 342 10.42 -18.02 13.82
CA GLY B 342 9.74 -18.95 12.96
C GLY B 342 8.26 -19.06 13.18
N MET B 343 7.68 -18.20 14.03
CA MET B 343 6.25 -18.30 14.32
C MET B 343 5.41 -18.08 13.07
N ALA B 344 5.66 -16.99 12.35
CA ALA B 344 4.74 -16.54 11.32
C ALA B 344 5.47 -16.19 10.04
N VAL B 345 4.72 -16.22 8.95
CA VAL B 345 5.18 -15.80 7.64
C VAL B 345 4.32 -14.64 7.21
N ALA B 346 4.94 -13.51 6.90
CA ALA B 346 4.23 -12.38 6.33
C ALA B 346 4.52 -12.33 4.85
N THR B 347 3.47 -12.27 4.04
CA THR B 347 3.59 -12.15 2.60
C THR B 347 3.02 -10.81 2.18
N GLY B 348 3.89 -9.94 1.68
CA GLY B 348 3.44 -8.76 0.98
C GLY B 348 3.15 -9.07 -0.47
N SER B 349 2.37 -8.21 -1.10
CA SER B 349 2.01 -8.45 -2.50
C SER B 349 1.67 -7.13 -3.16
N TRP B 350 1.40 -7.21 -4.46
CA TRP B 350 1.09 -6.03 -5.24
C TRP B 350 -0.33 -5.52 -5.03
N ASP B 351 -1.17 -6.25 -4.33
CA ASP B 351 -2.50 -5.75 -3.97
C ASP B 351 -2.46 -4.85 -2.74
N SER B 352 -1.28 -4.46 -2.29
CA SER B 352 -1.04 -3.50 -1.21
C SER B 352 -1.36 -4.06 0.16
N PHE B 353 -1.49 -5.37 0.32
CA PHE B 353 -1.85 -5.98 1.59
C PHE B 353 -0.76 -6.93 2.04
N LEU B 354 -0.36 -6.81 3.29
CA LEU B 354 0.53 -7.76 3.94
C LEU B 354 -0.30 -8.71 4.79
N LYS B 355 -0.08 -10.00 4.64
CA LYS B 355 -0.82 -11.01 5.38
C LYS B 355 0.17 -11.83 6.19
N ILE B 356 -0.03 -11.86 7.50
CA ILE B 356 0.71 -12.77 8.37
C ILE B 356 0.01 -14.11 8.40
N TRP B 357 0.76 -15.17 8.14
CA TRP B 357 0.24 -16.52 8.14
C TRP B 357 0.90 -17.30 9.27
N ASN B 358 0.27 -18.41 9.64
CA ASN B 358 0.72 -19.17 10.80
C ASN B 358 0.23 -20.61 10.74
N SER C 8 37.60 -7.75 -22.76
CA SER C 8 38.93 -7.54 -23.33
C SER C 8 39.95 -8.46 -22.69
N ILE C 9 41.23 -8.11 -22.84
CA ILE C 9 42.30 -8.92 -22.25
C ILE C 9 42.19 -8.91 -20.73
N ALA C 10 42.01 -7.73 -20.14
CA ALA C 10 41.91 -7.65 -18.69
C ALA C 10 40.65 -8.33 -18.17
N GLN C 11 39.51 -8.13 -18.84
CA GLN C 11 38.27 -8.74 -18.40
C GLN C 11 38.33 -10.26 -18.49
N ALA C 12 38.86 -10.78 -19.61
CA ALA C 12 38.98 -12.22 -19.76
C ALA C 12 39.98 -12.81 -18.77
N ARG C 13 41.07 -12.08 -18.51
CA ARG C 13 42.03 -12.55 -17.52
C ARG C 13 41.39 -12.62 -16.13
N LYS C 14 40.61 -11.60 -15.76
CA LYS C 14 39.92 -11.62 -14.48
C LYS C 14 38.91 -12.76 -14.41
N LEU C 15 38.18 -13.01 -15.50
CA LEU C 15 37.22 -14.11 -15.52
C LEU C 15 37.92 -15.45 -15.35
N VAL C 16 39.05 -15.64 -16.05
CA VAL C 16 39.81 -16.88 -15.91
C VAL C 16 40.34 -17.04 -14.49
N GLU C 17 40.85 -15.95 -13.91
CA GLU C 17 41.35 -16.00 -12.55
C GLU C 17 40.24 -16.40 -11.57
N GLN C 18 39.05 -15.83 -11.75
CA GLN C 18 37.94 -16.16 -10.86
C GLN C 18 37.48 -17.60 -11.04
N LEU C 19 37.41 -18.09 -12.29
CA LEU C 19 37.05 -19.49 -12.49
C LEU C 19 38.07 -20.42 -11.86
N LYS C 20 39.35 -20.11 -12.02
CA LYS C 20 40.40 -20.95 -11.42
C LYS C 20 40.31 -20.93 -9.90
N MET C 21 40.09 -19.76 -9.32
CA MET C 21 40.04 -19.65 -7.86
C MET C 21 38.76 -20.24 -7.30
N GLU C 22 37.69 -20.32 -8.10
CA GLU C 22 36.50 -21.05 -7.70
C GLU C 22 36.72 -22.55 -7.78
N ALA C 23 37.51 -23.00 -8.75
CA ALA C 23 37.78 -24.43 -8.87
C ALA C 23 38.57 -24.96 -7.67
N ASN C 24 39.34 -24.10 -7.01
CA ASN C 24 40.14 -24.51 -5.86
C ASN C 24 39.30 -24.49 -4.58
N ILE C 25 38.25 -25.30 -4.58
CA ILE C 25 37.33 -25.40 -3.46
C ILE C 25 37.12 -26.87 -3.14
N ASP C 26 37.29 -27.23 -1.86
CA ASP C 26 37.06 -28.59 -1.41
C ASP C 26 35.55 -28.82 -1.33
N ARG C 27 35.03 -29.64 -2.24
CA ARG C 27 33.60 -29.92 -2.30
C ARG C 27 33.32 -31.24 -1.61
N ILE C 28 32.44 -31.20 -0.61
CA ILE C 28 31.99 -32.42 0.04
C ILE C 28 31.04 -33.14 -0.91
N LYS C 29 30.78 -34.41 -0.66
CA LYS C 29 29.79 -35.13 -1.45
C LYS C 29 28.41 -34.54 -1.19
N VAL C 30 27.60 -34.44 -2.25
CA VAL C 30 26.26 -33.92 -2.09
C VAL C 30 25.42 -34.83 -1.20
N SER C 31 25.83 -36.09 -1.05
CA SER C 31 25.17 -36.96 -0.07
C SER C 31 25.41 -36.44 1.34
N LYS C 32 26.65 -36.06 1.65
CA LYS C 32 26.95 -35.51 2.97
C LYS C 32 26.23 -34.19 3.19
N ALA C 33 26.17 -33.35 2.16
CA ALA C 33 25.46 -32.08 2.27
C ALA C 33 23.97 -32.30 2.50
N ALA C 34 23.37 -33.24 1.77
CA ALA C 34 21.96 -33.54 1.94
C ALA C 34 21.69 -34.12 3.32
N ALA C 35 22.58 -34.99 3.81
CA ALA C 35 22.42 -35.53 5.15
C ALA C 35 22.54 -34.43 6.21
N ASP C 36 23.44 -33.47 5.99
CA ASP C 36 23.56 -32.36 6.91
C ASP C 36 22.28 -31.53 6.94
N LEU C 37 21.70 -31.26 5.77
CA LEU C 37 20.45 -30.49 5.73
C LEU C 37 19.31 -31.26 6.39
N MET C 38 19.23 -32.56 6.13
CA MET C 38 18.19 -33.36 6.77
C MET C 38 18.37 -33.39 8.28
N ALA C 39 19.63 -33.50 8.76
CA ALA C 39 19.89 -33.49 10.18
C ALA C 39 19.53 -32.15 10.81
N TYR C 40 19.81 -31.05 10.12
CA TYR C 40 19.41 -29.75 10.64
C TYR C 40 17.89 -29.62 10.68
N CYS C 41 17.19 -30.15 9.66
CA CYS C 41 15.74 -30.09 9.65
C CYS C 41 15.13 -30.95 10.75
N GLU C 42 15.79 -32.05 11.11
CA GLU C 42 15.26 -32.92 12.15
C GLU C 42 15.58 -32.39 13.55
N ALA C 43 16.80 -31.89 13.74
CA ALA C 43 17.20 -31.35 15.04
C ALA C 43 16.46 -30.07 15.41
N HIS C 44 15.76 -29.45 14.47
CA HIS C 44 15.02 -28.23 14.73
C HIS C 44 13.55 -28.34 14.38
N ALA C 45 13.07 -29.54 14.04
CA ALA C 45 11.68 -29.70 13.66
C ALA C 45 10.74 -29.35 14.81
N LYS C 46 11.19 -29.50 16.05
CA LYS C 46 10.39 -29.13 17.20
C LYS C 46 10.44 -27.64 17.49
N GLU C 47 11.40 -26.92 16.91
CA GLU C 47 11.50 -25.48 17.05
C GLU C 47 10.91 -24.74 15.86
N ASP C 48 10.18 -25.44 15.00
CA ASP C 48 9.59 -24.83 13.81
C ASP C 48 8.08 -24.74 14.00
N PRO C 49 7.54 -23.58 14.39
CA PRO C 49 6.09 -23.46 14.54
C PRO C 49 5.33 -23.66 13.25
N LEU C 50 5.99 -23.53 12.10
CA LEU C 50 5.28 -23.66 10.83
C LEU C 50 4.99 -25.12 10.51
N LEU C 51 5.97 -26.01 10.78
CA LEU C 51 5.74 -27.44 10.61
C LEU C 51 4.72 -27.95 11.61
N THR C 52 4.89 -27.62 12.88
CA THR C 52 4.03 -28.08 13.96
C THR C 52 3.11 -26.93 14.35
N PRO C 53 1.83 -26.95 13.95
CA PRO C 53 0.92 -25.84 14.30
C PRO C 53 0.88 -25.60 15.80
N VAL C 54 1.40 -24.45 16.22
CA VAL C 54 1.51 -24.16 17.65
C VAL C 54 0.10 -24.03 18.23
N PRO C 55 -0.12 -24.41 19.49
CA PRO C 55 -1.44 -24.19 20.09
C PRO C 55 -1.77 -22.71 20.16
N ALA C 56 -3.07 -22.41 20.03
CA ALA C 56 -3.51 -21.02 19.98
C ALA C 56 -3.12 -20.25 21.24
N SER C 57 -2.87 -20.94 22.35
CA SER C 57 -2.41 -20.26 23.56
C SER C 57 -0.98 -19.78 23.41
N GLU C 58 -0.12 -20.57 22.76
CA GLU C 58 1.26 -20.20 22.54
C GLU C 58 1.48 -19.41 21.26
N ASN C 59 0.44 -19.28 20.43
CA ASN C 59 0.53 -18.55 19.17
C ASN C 59 0.32 -17.07 19.42
N PRO C 60 1.30 -16.21 19.15
CA PRO C 60 1.10 -14.77 19.35
C PRO C 60 0.18 -14.14 18.32
N PHE C 61 -0.07 -14.81 17.21
CA PHE C 61 -0.97 -14.33 16.16
C PHE C 61 -2.27 -15.09 16.28
N ARG C 62 -3.13 -14.65 17.19
CA ARG C 62 -4.42 -15.29 17.42
C ARG C 62 -5.39 -14.33 18.10
N VAL D 2 16.25 18.60 21.72
CA VAL D 2 14.99 18.26 22.37
C VAL D 2 14.90 18.94 23.72
N GLN D 3 13.99 19.89 23.85
CA GLN D 3 13.80 20.57 25.12
C GLN D 3 12.35 21.02 25.24
N LEU D 4 11.83 20.99 26.46
CA LEU D 4 10.50 21.47 26.77
C LEU D 4 10.62 22.60 27.78
N VAL D 5 10.07 23.76 27.46
CA VAL D 5 10.13 24.93 28.32
C VAL D 5 8.70 25.29 28.71
N GLU D 6 8.44 25.32 30.01
CA GLU D 6 7.13 25.68 30.52
C GLU D 6 7.05 27.18 30.78
N SER D 7 5.85 27.72 30.64
CA SER D 7 5.59 29.14 30.84
C SER D 7 4.37 29.32 31.73
N GLY D 8 4.29 30.49 32.35
CA GLY D 8 3.20 30.77 33.27
C GLY D 8 3.63 30.59 34.72
N GLY D 9 2.69 30.17 35.57
CA GLY D 9 3.00 29.93 36.96
C GLY D 9 3.29 31.19 37.75
N GLY D 10 3.24 31.09 39.08
CA GLY D 10 3.49 32.20 39.96
C GLY D 10 2.42 32.28 41.02
N LEU D 11 2.40 33.42 41.73
CA LEU D 11 1.45 33.62 42.81
C LEU D 11 0.06 33.86 42.23
N VAL D 12 -0.89 33.01 42.61
CA VAL D 12 -2.26 33.07 42.11
C VAL D 12 -3.20 33.06 43.30
N GLN D 13 -4.18 33.97 43.29
CA GLN D 13 -5.18 33.97 44.34
C GLN D 13 -6.08 32.75 44.19
N PRO D 14 -6.48 32.12 45.29
CA PRO D 14 -7.37 30.95 45.19
C PRO D 14 -8.68 31.30 44.50
N GLY D 15 -9.19 30.35 43.74
CA GLY D 15 -10.36 30.57 42.91
C GLY D 15 -10.06 31.17 41.55
N GLY D 16 -8.81 31.55 41.29
CA GLY D 16 -8.43 32.15 40.04
C GLY D 16 -8.19 31.13 38.95
N SER D 17 -7.75 31.63 37.80
CA SER D 17 -7.52 30.79 36.63
C SER D 17 -6.18 31.15 36.00
N ARG D 18 -5.52 30.13 35.47
CA ARG D 18 -4.20 30.27 34.85
C ARG D 18 -4.10 29.34 33.65
N LYS D 19 -3.34 29.78 32.65
CA LYS D 19 -2.92 28.94 31.54
C LYS D 19 -1.42 28.72 31.64
N LEU D 20 -1.01 27.45 31.63
CA LEU D 20 0.40 27.09 31.56
C LEU D 20 0.74 26.73 30.13
N SER D 21 1.84 27.30 29.64
CA SER D 21 2.28 27.09 28.27
C SER D 21 3.57 26.29 28.25
N CYS D 22 3.62 25.28 27.39
CA CYS D 22 4.79 24.44 27.19
C CYS D 22 5.34 24.69 25.79
N SER D 23 6.37 25.53 25.70
CA SER D 23 6.96 25.87 24.40
C SER D 23 7.95 24.76 24.01
N ALA D 24 7.39 23.67 23.50
CA ALA D 24 8.22 22.56 23.03
C ALA D 24 9.05 23.00 21.83
N SER D 25 10.31 22.58 21.82
CA SER D 25 11.20 22.90 20.71
C SER D 25 12.26 21.83 20.60
N GLY D 26 12.50 21.37 19.37
CA GLY D 26 13.56 20.42 19.11
C GLY D 26 13.12 18.99 18.91
N PHE D 27 11.83 18.74 18.76
CA PHE D 27 11.35 17.39 18.49
C PHE D 27 9.98 17.46 17.83
N ALA D 28 9.56 16.33 17.26
CA ALA D 28 8.29 16.24 16.54
C ALA D 28 7.15 16.25 17.56
N PHE D 29 6.83 17.46 18.03
CA PHE D 29 5.85 17.61 19.10
C PHE D 29 4.50 17.03 18.73
N SER D 30 4.11 17.10 17.46
CA SER D 30 2.79 16.63 17.07
C SER D 30 2.62 15.13 17.24
N SER D 31 3.71 14.38 17.28
CA SER D 31 3.67 12.93 17.38
C SER D 31 3.79 12.42 18.81
N PHE D 32 3.83 13.31 19.80
CA PHE D 32 3.99 12.93 21.19
C PHE D 32 2.68 13.17 21.94
N GLY D 33 2.30 12.21 22.78
CA GLY D 33 1.19 12.41 23.67
C GLY D 33 1.65 13.03 24.97
N MET D 34 1.49 14.35 25.09
CA MET D 34 2.06 15.09 26.20
C MET D 34 1.27 14.88 27.49
N HIS D 35 1.96 15.06 28.60
CA HIS D 35 1.38 14.97 29.93
C HIS D 35 1.69 16.23 30.71
N TRP D 36 0.87 16.50 31.71
CA TRP D 36 1.21 17.41 32.80
C TRP D 36 1.33 16.57 34.06
N VAL D 37 2.49 16.62 34.69
CA VAL D 37 2.72 15.93 35.95
C VAL D 37 3.15 16.97 36.96
N ARG D 38 2.40 17.08 38.06
CA ARG D 38 2.69 18.08 39.06
C ARG D 38 3.30 17.44 40.30
N GLN D 39 4.06 18.24 41.02
CA GLN D 39 4.75 17.81 42.22
C GLN D 39 4.63 18.91 43.25
N ALA D 40 4.02 18.59 44.39
CA ALA D 40 3.87 19.58 45.45
C ALA D 40 5.24 20.02 45.95
N PRO D 41 5.35 21.24 46.49
CA PRO D 41 6.67 21.79 46.83
C PRO D 41 7.55 20.90 47.70
N GLU D 42 6.94 19.94 48.41
CA GLU D 42 7.74 18.98 49.18
C GLU D 42 7.20 17.57 49.12
N LYS D 43 6.34 17.26 48.14
CA LYS D 43 5.74 15.94 48.02
C LYS D 43 6.19 15.30 46.70
N GLY D 44 5.59 14.15 46.39
CA GLY D 44 5.96 13.40 45.22
C GLY D 44 5.27 13.90 43.96
N LEU D 45 5.51 13.17 42.87
CA LEU D 45 4.90 13.50 41.59
C LEU D 45 3.45 13.04 41.57
N GLU D 46 2.61 13.84 40.90
CA GLU D 46 1.21 13.48 40.69
C GLU D 46 0.83 13.89 39.28
N TRP D 47 0.36 12.93 38.49
CA TRP D 47 0.03 13.18 37.10
C TRP D 47 -1.27 13.98 37.00
N VAL D 48 -1.24 15.05 36.20
CA VAL D 48 -2.36 15.97 36.12
C VAL D 48 -3.28 15.60 34.97
N ALA D 49 -2.75 15.60 33.75
CA ALA D 49 -3.57 15.41 32.58
C ALA D 49 -2.71 14.84 31.46
N TYR D 50 -3.38 14.34 30.42
CA TYR D 50 -2.73 13.76 29.27
C TYR D 50 -3.52 14.13 28.03
N ILE D 51 -2.86 14.72 27.04
CA ILE D 51 -3.47 14.95 25.74
C ILE D 51 -2.65 14.16 24.72
N SER D 52 -3.31 13.26 24.00
CA SER D 52 -2.61 12.34 23.13
C SER D 52 -2.07 13.07 21.91
N SER D 53 -1.39 12.33 21.05
CA SER D 53 -0.99 12.87 19.76
C SER D 53 -2.24 13.14 18.92
N GLY D 54 -2.30 14.33 18.34
CA GLY D 54 -3.48 14.71 17.60
C GLY D 54 -4.67 15.11 18.44
N SER D 55 -4.50 15.27 19.75
CA SER D 55 -5.52 15.79 20.65
C SER D 55 -6.76 14.92 20.72
N GLY D 56 -6.71 13.73 20.11
CA GLY D 56 -7.89 12.91 20.02
C GLY D 56 -8.33 12.30 21.34
N THR D 57 -7.41 12.14 22.28
CA THR D 57 -7.68 11.45 23.53
C THR D 57 -7.11 12.26 24.68
N ILE D 58 -7.93 12.55 25.67
CA ILE D 58 -7.56 13.43 26.77
C ILE D 58 -8.03 12.82 28.08
N TYR D 59 -7.15 12.82 29.08
CA TYR D 59 -7.46 12.35 30.42
C TYR D 59 -7.04 13.40 31.44
N TYR D 60 -7.70 13.39 32.59
CA TYR D 60 -7.38 14.28 33.69
C TYR D 60 -7.28 13.49 34.97
N ALA D 61 -6.51 14.03 35.91
CA ALA D 61 -6.53 13.48 37.27
C ALA D 61 -7.92 13.69 37.86
N ASP D 62 -8.41 12.68 38.57
CA ASP D 62 -9.75 12.77 39.14
C ASP D 62 -9.89 13.95 40.10
N THR D 63 -8.77 14.44 40.64
CA THR D 63 -8.78 15.60 41.52
C THR D 63 -8.87 16.92 40.76
N VAL D 64 -8.73 16.90 39.43
CA VAL D 64 -8.79 18.11 38.62
C VAL D 64 -9.70 17.99 37.42
N LYS D 65 -10.35 16.83 37.23
CA LYS D 65 -11.18 16.63 36.06
C LYS D 65 -12.33 17.62 36.03
N GLY D 66 -12.54 18.24 34.87
CA GLY D 66 -13.55 19.28 34.74
C GLY D 66 -13.05 20.62 35.23
N ARG D 67 -12.09 20.59 36.16
CA ARG D 67 -11.58 21.82 36.74
C ARG D 67 -10.32 22.31 36.02
N PHE D 68 -9.57 21.41 35.39
CA PHE D 68 -8.48 21.78 34.49
C PHE D 68 -8.87 21.46 33.06
N THR D 69 -8.19 22.12 32.13
CA THR D 69 -8.35 21.84 30.70
C THR D 69 -6.98 21.80 30.05
N ILE D 70 -6.72 20.75 29.28
CA ILE D 70 -5.45 20.57 28.60
C ILE D 70 -5.68 20.74 27.10
N SER D 71 -4.68 21.31 26.42
CA SER D 71 -4.76 21.52 24.99
C SER D 71 -3.36 21.72 24.45
N ARG D 72 -3.21 21.48 23.14
CA ARG D 72 -1.93 21.62 22.48
C ARG D 72 -2.08 22.45 21.22
N ASP D 73 -1.05 23.22 20.90
CA ASP D 73 -0.98 24.00 19.67
C ASP D 73 0.10 23.33 18.80
N ASP D 74 -0.31 22.33 18.03
CA ASP D 74 0.65 21.57 17.23
C ASP D 74 1.41 22.43 16.23
N PRO D 75 0.77 23.33 15.46
CA PRO D 75 1.57 24.22 14.60
C PRO D 75 2.60 25.03 15.37
N LYS D 76 2.28 25.47 16.57
CA LYS D 76 3.20 26.25 17.39
C LYS D 76 4.03 25.40 18.34
N ASN D 77 3.86 24.08 18.31
CA ASN D 77 4.58 23.16 19.18
C ASN D 77 4.45 23.59 20.64
N THR D 78 3.24 23.93 21.05
CA THR D 78 3.01 24.46 22.38
C THR D 78 1.88 23.69 23.06
N LEU D 79 2.10 23.30 24.30
CA LEU D 79 1.12 22.58 25.10
C LEU D 79 0.56 23.50 26.17
N PHE D 80 -0.76 23.48 26.33
CA PHE D 80 -1.45 24.35 27.28
C PHE D 80 -2.15 23.55 28.35
N LEU D 81 -2.24 24.14 29.54
CA LEU D 81 -3.06 23.64 30.64
C LEU D 81 -3.94 24.80 31.12
N GLN D 82 -5.20 24.79 30.72
CA GLN D 82 -6.15 25.76 31.25
C GLN D 82 -6.65 25.28 32.61
N MET D 83 -6.40 26.10 33.63
CA MET D 83 -6.75 25.78 35.01
C MET D 83 -7.77 26.80 35.49
N THR D 84 -8.83 26.32 36.12
CA THR D 84 -9.88 27.20 36.64
C THR D 84 -10.13 26.87 38.10
N SER D 85 -10.48 27.91 38.86
CA SER D 85 -10.78 27.78 40.30
C SER D 85 -9.64 27.07 41.02
N LEU D 86 -8.48 27.71 41.01
CA LEU D 86 -7.27 27.12 41.57
C LEU D 86 -7.39 27.00 43.07
N ARG D 87 -7.60 25.78 43.55
CA ARG D 87 -7.61 25.53 44.98
C ARG D 87 -6.19 25.58 45.54
N SER D 88 -6.08 25.58 46.88
CA SER D 88 -4.76 25.61 47.50
C SER D 88 -3.97 24.35 47.19
N GLU D 89 -4.65 23.22 46.98
CA GLU D 89 -3.97 21.96 46.67
C GLU D 89 -3.39 21.93 45.27
N ASP D 90 -3.65 22.95 44.45
CA ASP D 90 -3.03 23.03 43.13
C ASP D 90 -1.64 23.65 43.20
N THR D 91 -1.19 24.09 44.37
CA THR D 91 0.16 24.62 44.53
C THR D 91 1.17 23.49 44.28
N ALA D 92 1.84 23.54 43.14
CA ALA D 92 2.79 22.49 42.78
C ALA D 92 3.69 22.97 41.67
N MET D 93 4.82 22.28 41.52
CA MET D 93 5.63 22.38 40.31
C MET D 93 4.94 21.57 39.22
N TYR D 94 4.64 22.22 38.09
CA TYR D 94 3.93 21.57 37.00
C TYR D 94 4.92 21.23 35.90
N TYR D 95 5.17 19.93 35.72
CA TYR D 95 6.08 19.45 34.69
C TYR D 95 5.30 19.07 33.45
N CYS D 96 5.73 19.56 32.30
CA CYS D 96 5.26 19.05 31.02
C CYS D 96 6.12 17.86 30.64
N VAL D 97 5.48 16.76 30.28
CA VAL D 97 6.16 15.53 29.96
C VAL D 97 5.75 15.09 28.57
N ARG D 98 6.71 14.80 27.72
CA ARG D 98 6.44 14.22 26.42
C ARG D 98 6.45 12.71 26.55
N SER D 99 5.58 12.06 25.80
CA SER D 99 5.49 10.60 25.86
C SER D 99 4.89 10.10 24.56
N ILE D 100 5.59 9.18 23.91
CA ILE D 100 5.18 8.64 22.62
C ILE D 100 4.92 7.16 22.82
N TYR D 101 3.82 6.67 22.26
CA TYR D 101 3.36 5.30 22.50
C TYR D 101 3.26 4.54 21.18
N TYR D 102 4.29 3.76 20.88
CA TYR D 102 4.21 2.72 19.87
C TYR D 102 4.85 1.49 20.47
N TYR D 103 5.01 0.42 19.70
CA TYR D 103 5.65 -0.77 20.24
C TYR D 103 7.12 -0.46 20.52
N GLY D 104 7.54 -0.67 21.77
CA GLY D 104 8.92 -0.45 22.13
C GLY D 104 9.27 0.99 22.41
N SER D 105 8.29 1.89 22.45
CA SER D 105 8.58 3.28 22.70
C SER D 105 9.00 3.49 24.15
N SER D 106 9.42 4.70 24.45
CA SER D 106 9.97 5.06 25.76
C SER D 106 9.19 6.26 26.30
N PRO D 107 7.97 6.03 26.80
CA PRO D 107 7.16 7.14 27.28
C PRO D 107 7.82 7.85 28.46
N PHE D 108 7.48 9.12 28.63
CA PHE D 108 7.97 9.96 29.72
C PHE D 108 9.47 10.14 29.66
N ASP D 109 10.07 10.01 28.47
CA ASP D 109 11.51 10.09 28.35
C ASP D 109 12.03 11.48 28.68
N PHE D 110 11.32 12.52 28.24
CA PHE D 110 11.77 13.89 28.47
C PHE D 110 10.75 14.65 29.29
N TRP D 111 11.25 15.45 30.23
CA TRP D 111 10.43 16.27 31.11
C TRP D 111 10.88 17.72 31.01
N GLY D 112 9.92 18.63 30.99
CA GLY D 112 10.23 20.04 31.05
C GLY D 112 10.71 20.44 32.43
N GLN D 113 11.27 21.65 32.51
CA GLN D 113 11.79 22.13 33.79
C GLN D 113 10.67 22.39 34.79
N GLY D 114 9.54 22.90 34.33
CA GLY D 114 8.42 23.16 35.21
C GLY D 114 8.28 24.63 35.56
N THR D 115 7.09 24.98 36.06
CA THR D 115 6.82 26.32 36.54
C THR D 115 6.31 26.25 37.97
N THR D 116 6.91 27.05 38.85
CA THR D 116 6.39 27.21 40.19
C THR D 116 4.99 27.78 40.14
N LEU D 117 4.07 27.19 40.89
CA LEU D 117 2.70 27.65 40.96
C LEU D 117 2.28 27.67 42.43
N THR D 118 2.08 28.85 42.98
CA THR D 118 1.75 29.03 44.39
C THR D 118 0.36 29.64 44.49
N VAL D 119 -0.63 28.81 44.82
CA VAL D 119 -1.97 29.30 45.11
C VAL D 119 -2.00 29.83 46.53
N SER D 120 -2.46 31.07 46.70
CA SER D 120 -2.46 31.71 48.00
C SER D 120 -3.46 31.03 48.93
N SER D 121 -3.25 31.24 50.23
CA SER D 121 -4.12 30.64 51.24
C SER D 121 -5.34 31.51 51.50
N SER D 136 -10.29 3.07 43.21
CA SER D 136 -10.11 2.25 42.02
C SER D 136 -8.73 2.49 41.40
N ASP D 137 -8.09 3.57 41.82
CA ASP D 137 -6.76 3.90 41.30
C ASP D 137 -5.73 2.92 41.82
N ILE D 138 -4.81 2.51 40.94
CA ILE D 138 -3.70 1.67 41.38
C ILE D 138 -2.78 2.48 42.27
N VAL D 139 -2.44 1.94 43.43
CA VAL D 139 -1.70 2.68 44.44
C VAL D 139 -0.25 2.22 44.39
N MET D 140 0.61 3.04 43.80
CA MET D 140 2.04 2.84 43.91
C MET D 140 2.51 3.14 45.33
N THR D 141 3.16 2.16 45.94
CA THR D 141 3.63 2.27 47.32
C THR D 141 5.15 2.13 47.34
N GLN D 142 5.83 3.17 47.80
CA GLN D 142 7.25 3.11 48.09
C GLN D 142 7.37 3.22 49.61
N ALA D 143 7.27 2.07 50.28
CA ALA D 143 7.29 2.06 51.74
C ALA D 143 8.61 2.60 52.27
N THR D 144 9.72 2.19 51.66
CA THR D 144 11.02 2.71 52.06
C THR D 144 11.27 4.06 51.41
N SER D 145 11.72 5.02 52.20
CA SER D 145 12.08 6.34 51.72
C SER D 145 13.30 6.83 52.49
N SER D 146 14.05 7.73 51.85
CA SER D 146 15.27 8.29 52.42
C SER D 146 16.27 7.18 52.78
N VAL D 147 16.71 6.46 51.75
CA VAL D 147 17.69 5.40 51.92
C VAL D 147 19.09 6.00 51.97
N PRO D 148 19.82 5.83 53.07
CA PRO D 148 21.21 6.32 53.11
C PRO D 148 22.14 5.30 52.46
N VAL D 149 23.04 5.78 51.60
CA VAL D 149 23.92 4.91 50.83
C VAL D 149 25.21 5.65 50.55
N THR D 150 26.29 4.88 50.40
CA THR D 150 27.69 5.18 50.13
C THR D 150 27.98 5.06 48.64
N PRO D 151 28.68 6.03 48.05
CA PRO D 151 29.01 5.95 46.63
C PRO D 151 29.80 4.68 46.31
N GLY D 152 29.51 4.10 45.15
CA GLY D 152 30.12 2.85 44.75
C GLY D 152 29.46 1.62 45.30
N GLU D 153 28.42 1.76 46.12
CA GLU D 153 27.75 0.62 46.75
C GLU D 153 26.37 0.44 46.14
N SER D 154 26.02 -0.82 45.89
CA SER D 154 24.72 -1.14 45.30
C SER D 154 23.59 -0.80 46.26
N VAL D 155 22.42 -0.49 45.68
CA VAL D 155 21.21 -0.25 46.44
C VAL D 155 20.02 -0.64 45.58
N SER D 156 18.99 -1.19 46.22
CA SER D 156 17.77 -1.59 45.55
C SER D 156 16.59 -0.88 46.19
N ILE D 157 15.72 -0.32 45.36
CA ILE D 157 14.54 0.41 45.81
C ILE D 157 13.32 -0.44 45.50
N SER D 158 12.57 -0.80 46.54
CA SER D 158 11.39 -1.62 46.37
C SER D 158 10.20 -0.77 45.97
N CYS D 159 9.36 -1.32 45.09
CA CYS D 159 8.13 -0.68 44.68
C CYS D 159 6.98 -1.66 44.87
N ARG D 160 5.88 -1.15 45.39
CA ARG D 160 4.70 -1.97 45.65
C ARG D 160 3.52 -1.42 44.85
N SER D 161 2.72 -2.32 44.31
CA SER D 161 1.56 -1.97 43.49
C SER D 161 0.31 -2.57 44.10
N SER D 162 -0.75 -1.76 44.22
CA SER D 162 -2.02 -2.27 44.70
C SER D 162 -2.71 -3.18 43.71
N LYS D 163 -2.25 -3.23 42.46
CA LYS D 163 -2.79 -4.11 41.45
C LYS D 163 -1.63 -4.61 40.59
N SER D 164 -1.81 -5.79 40.00
CA SER D 164 -0.78 -6.35 39.13
C SER D 164 -0.56 -5.44 37.92
N LEU D 165 0.62 -4.83 37.85
CA LEU D 165 0.97 -3.99 36.71
C LEU D 165 1.26 -4.79 35.45
N LEU D 166 1.46 -6.09 35.57
CA LEU D 166 1.70 -6.92 34.40
C LEU D 166 0.39 -7.10 33.63
N HIS D 167 0.39 -6.68 32.38
CA HIS D 167 -0.76 -6.83 31.52
C HIS D 167 -0.73 -8.18 30.80
N SER D 168 -1.89 -8.59 30.29
CA SER D 168 -1.98 -9.85 29.56
C SER D 168 -1.18 -9.83 28.26
N ASN D 169 -0.78 -8.65 27.77
CA ASN D 169 0.07 -8.57 26.60
C ASN D 169 1.53 -8.86 26.89
N GLY D 170 1.89 -9.01 28.17
CA GLY D 170 3.24 -9.31 28.57
C GLY D 170 4.02 -8.13 29.10
N ASN D 171 3.51 -6.91 28.94
CA ASN D 171 4.22 -5.72 29.36
C ASN D 171 3.84 -5.35 30.78
N THR D 172 4.85 -5.05 31.60
CA THR D 172 4.64 -4.54 32.94
C THR D 172 4.88 -3.03 32.91
N TYR D 173 3.84 -2.26 33.18
CA TYR D 173 3.88 -0.82 32.99
C TYR D 173 4.27 -0.14 34.30
N LEU D 174 5.53 -0.32 34.67
CA LEU D 174 6.12 0.36 35.81
C LEU D 174 7.29 1.21 35.34
N TYR D 175 7.27 2.50 35.70
CA TYR D 175 8.28 3.45 35.28
C TYR D 175 9.07 3.93 36.49
N TRP D 176 10.38 4.12 36.28
CA TRP D 176 11.27 4.64 37.32
C TRP D 176 11.81 5.98 36.86
N PHE D 177 11.65 7.00 37.70
CA PHE D 177 12.13 8.34 37.41
C PHE D 177 13.11 8.78 38.48
N LEU D 178 13.96 9.75 38.14
CA LEU D 178 14.99 10.24 39.04
C LEU D 178 14.88 11.76 39.16
N GLN D 179 14.33 12.21 40.29
CA GLN D 179 14.26 13.64 40.62
C GLN D 179 15.57 14.04 41.27
N ARG D 180 16.57 14.34 40.44
CA ARG D 180 17.81 14.87 40.98
C ARG D 180 17.56 16.26 41.57
N PRO D 181 18.22 16.59 42.68
CA PRO D 181 17.93 17.85 43.37
C PRO D 181 18.11 19.05 42.47
N GLY D 182 17.05 19.85 42.35
CA GLY D 182 17.04 21.00 41.46
C GLY D 182 16.77 20.68 40.01
N GLN D 183 16.54 19.42 39.67
CA GLN D 183 16.32 19.00 38.30
C GLN D 183 14.93 18.38 38.14
N SER D 184 14.42 18.44 36.93
CA SER D 184 13.19 17.75 36.60
C SER D 184 13.44 16.24 36.55
N PRO D 185 12.40 15.44 36.70
CA PRO D 185 12.58 13.98 36.67
C PRO D 185 13.20 13.52 35.36
N GLN D 186 13.67 12.28 35.38
CA GLN D 186 14.44 11.72 34.29
C GLN D 186 14.14 10.24 34.22
N LEU D 187 13.53 9.80 33.13
CA LEU D 187 13.15 8.39 33.01
C LEU D 187 14.39 7.51 33.05
N LEU D 188 14.34 6.48 33.89
CA LEU D 188 15.40 5.50 34.02
C LEU D 188 15.01 4.15 33.46
N ILE D 189 13.92 3.58 33.96
CA ILE D 189 13.36 2.33 33.47
C ILE D 189 11.94 2.64 33.02
N TYR D 190 11.61 2.36 31.76
CA TYR D 190 10.27 2.74 31.33
C TYR D 190 9.26 1.63 31.57
N ARG D 191 9.43 0.48 30.97
CA ARG D 191 8.57 -0.66 31.26
C ARG D 191 9.45 -1.72 31.91
N MET D 192 9.05 -2.17 33.09
CA MET D 192 9.94 -2.81 34.06
C MET D 192 11.03 -3.64 33.39
N SER D 193 12.28 -3.38 33.76
CA SER D 193 13.47 -3.94 33.10
C SER D 193 13.63 -3.40 31.67
N ASN D 194 13.68 -2.07 31.54
CA ASN D 194 13.93 -1.42 30.25
C ASN D 194 14.69 -0.13 30.50
N LEU D 195 15.99 -0.14 30.25
CA LEU D 195 16.79 1.07 30.45
C LEU D 195 16.42 2.14 29.45
N ALA D 196 16.20 3.36 29.94
CA ALA D 196 15.92 4.48 29.06
C ALA D 196 17.19 4.93 28.35
N SER D 197 17.00 5.70 27.28
CA SER D 197 18.14 6.22 26.53
C SER D 197 18.87 7.27 27.35
N GLY D 198 20.20 7.21 27.33
CA GLY D 198 21.02 8.10 28.10
C GLY D 198 21.19 7.72 29.55
N VAL D 199 20.63 6.60 29.97
CA VAL D 199 20.75 6.12 31.35
C VAL D 199 21.88 5.09 31.38
N PRO D 200 22.87 5.27 32.26
CA PRO D 200 23.96 4.29 32.32
C PRO D 200 23.45 2.90 32.70
N ASP D 201 24.10 1.88 32.13
CA ASP D 201 23.62 0.52 32.35
C ASP D 201 24.11 -0.01 33.70
N ARG D 202 23.89 0.78 34.74
CA ARG D 202 24.05 0.33 36.12
C ARG D 202 22.73 0.29 36.86
N PHE D 203 21.74 1.05 36.40
CA PHE D 203 20.37 0.89 36.87
C PHE D 203 19.75 -0.34 36.22
N SER D 204 18.92 -1.03 36.96
CA SER D 204 18.20 -2.17 36.40
C SER D 204 16.86 -2.29 37.11
N GLY D 205 15.85 -2.66 36.36
CA GLY D 205 14.50 -2.84 36.88
C GLY D 205 14.19 -4.32 36.98
N SER D 206 13.51 -4.71 38.06
CA SER D 206 13.12 -6.09 38.25
C SER D 206 11.85 -6.11 39.09
N GLY D 207 11.12 -7.20 38.98
CA GLY D 207 9.89 -7.35 39.73
C GLY D 207 8.96 -8.31 39.01
N SER D 208 7.76 -8.44 39.57
CA SER D 208 6.73 -9.27 38.97
C SER D 208 5.41 -8.93 39.65
N GLY D 209 4.36 -8.76 38.85
CA GLY D 209 3.06 -8.53 39.44
C GLY D 209 2.95 -7.21 40.16
N THR D 210 2.95 -7.25 41.48
CA THR D 210 2.74 -6.07 42.31
C THR D 210 4.01 -5.51 42.93
N ALA D 211 5.08 -6.29 43.00
CA ALA D 211 6.30 -5.88 43.69
C ALA D 211 7.40 -5.66 42.67
N PHE D 212 8.14 -4.56 42.82
CA PHE D 212 9.18 -4.19 41.87
C PHE D 212 10.39 -3.64 42.61
N THR D 213 11.56 -3.86 42.04
CA THR D 213 12.82 -3.42 42.62
C THR D 213 13.67 -2.76 41.55
N LEU D 214 14.20 -1.58 41.86
CA LEU D 214 15.17 -0.91 40.99
C LEU D 214 16.53 -1.04 41.62
N THR D 215 17.37 -1.91 41.04
CA THR D 215 18.69 -2.18 41.58
C THR D 215 19.74 -1.37 40.83
N ILE D 216 20.49 -0.56 41.57
CA ILE D 216 21.61 0.19 41.02
C ILE D 216 22.89 -0.58 41.31
N SER D 217 23.67 -0.83 40.27
CA SER D 217 24.83 -1.71 40.41
C SER D 217 25.92 -1.06 41.27
N ARG D 218 26.47 0.07 40.81
CA ARG D 218 27.54 0.77 41.54
C ARG D 218 27.29 2.26 41.36
N LEU D 219 26.57 2.85 42.32
CA LEU D 219 26.12 4.22 42.14
C LEU D 219 27.26 5.21 42.32
N GLU D 220 27.05 6.40 41.79
CA GLU D 220 28.00 7.51 41.88
C GLU D 220 27.34 8.67 42.61
N ALA D 221 28.03 9.82 42.63
CA ALA D 221 27.45 11.02 43.19
C ALA D 221 26.33 11.59 42.34
N GLU D 222 26.15 11.08 41.11
CA GLU D 222 25.08 11.54 40.24
C GLU D 222 23.76 10.85 40.51
N ASP D 223 23.79 9.64 41.08
CA ASP D 223 22.58 8.88 41.36
C ASP D 223 21.81 9.39 42.56
N VAL D 224 22.37 10.34 43.31
CA VAL D 224 21.67 10.91 44.45
C VAL D 224 20.44 11.67 43.96
N GLY D 225 19.33 11.49 44.66
CA GLY D 225 18.08 12.10 44.27
C GLY D 225 16.92 11.24 44.75
N VAL D 226 15.74 11.55 44.24
CA VAL D 226 14.51 10.90 44.64
C VAL D 226 14.02 10.04 43.47
N TYR D 227 13.75 8.77 43.74
CA TYR D 227 13.34 7.83 42.71
C TYR D 227 11.86 7.55 42.85
N TYR D 228 11.12 7.74 41.76
CA TYR D 228 9.67 7.63 41.77
C TYR D 228 9.21 6.42 40.96
N CYS D 229 8.29 5.66 41.52
CA CYS D 229 7.53 4.70 40.76
C CYS D 229 6.50 5.43 39.90
N MET D 230 5.95 4.69 38.94
CA MET D 230 4.78 5.17 38.21
C MET D 230 4.16 4.01 37.46
N GLN D 231 2.86 3.82 37.59
CA GLN D 231 2.16 2.82 36.82
C GLN D 231 1.61 3.44 35.55
N HIS D 232 1.57 2.66 34.48
CA HIS D 232 0.98 3.11 33.23
C HIS D 232 -0.07 2.12 32.74
N LEU D 233 -0.61 1.31 33.66
CA LEU D 233 -1.58 0.30 33.27
C LEU D 233 -2.92 0.92 32.93
N GLU D 234 -3.38 1.87 33.73
CA GLU D 234 -4.58 2.66 33.44
C GLU D 234 -4.19 4.14 33.38
N TYR D 235 -5.20 5.00 33.26
CA TYR D 235 -4.94 6.43 33.18
C TYR D 235 -5.57 7.24 34.29
N PRO D 236 -5.58 6.76 35.53
CA PRO D 236 -5.02 7.55 36.61
C PRO D 236 -3.55 7.18 36.73
N LEU D 237 -2.63 8.07 36.37
CA LEU D 237 -1.21 7.74 36.43
C LEU D 237 -0.73 8.08 37.83
N THR D 238 -0.55 7.06 38.66
CA THR D 238 -0.21 7.25 40.06
C THR D 238 1.27 6.99 40.25
N PHE D 239 1.93 7.86 41.00
CA PHE D 239 3.34 7.73 41.32
C PHE D 239 3.51 7.22 42.73
N GLY D 240 4.61 6.51 42.97
CA GLY D 240 4.98 6.18 44.33
C GLY D 240 5.53 7.38 45.07
N ALA D 241 5.32 7.39 46.38
CA ALA D 241 5.90 8.44 47.22
C ALA D 241 7.40 8.29 47.16
N GLY D 242 8.07 9.23 46.49
CA GLY D 242 9.46 9.11 46.12
C GLY D 242 10.42 8.62 47.19
N THR D 243 11.25 7.65 46.82
CA THR D 243 12.26 7.09 47.73
C THR D 243 13.56 7.85 47.53
N LYS D 244 13.82 8.79 48.42
CA LYS D 244 15.02 9.62 48.32
C LYS D 244 16.27 8.79 48.59
N LEU D 245 17.35 9.14 47.90
CA LEU D 245 18.68 8.61 48.16
C LEU D 245 19.58 9.76 48.58
N GLU D 246 20.38 9.53 49.62
CA GLU D 246 21.29 10.54 50.12
C GLU D 246 22.58 9.87 50.56
N LEU D 247 23.69 10.59 50.39
CA LEU D 247 25.00 10.07 50.76
C LEU D 247 25.18 10.02 52.27
N SER E 161 -53.78 -22.79 -11.07
CA SER E 161 -54.56 -21.60 -10.74
C SER E 161 -53.80 -20.34 -11.10
N TYR E 162 -54.53 -19.30 -11.53
CA TYR E 162 -53.89 -18.03 -11.85
C TYR E 162 -53.29 -17.37 -10.63
N GLN E 163 -53.78 -17.71 -9.43
CA GLN E 163 -53.21 -17.14 -8.22
C GLN E 163 -51.80 -17.68 -7.97
N VAL E 164 -51.63 -19.00 -8.07
CA VAL E 164 -50.35 -19.60 -7.74
C VAL E 164 -49.31 -19.29 -8.82
N ILE E 165 -49.74 -19.20 -10.09
CA ILE E 165 -48.81 -18.86 -11.15
C ILE E 165 -48.33 -17.42 -11.00
N THR E 166 -49.25 -16.50 -10.70
CA THR E 166 -48.86 -15.13 -10.41
C THR E 166 -47.91 -15.09 -9.21
N SER E 167 -48.21 -15.88 -8.17
CA SER E 167 -47.35 -15.92 -7.00
C SER E 167 -45.95 -16.38 -7.36
N LEU E 168 -45.85 -17.45 -8.16
CA LEU E 168 -44.54 -17.97 -8.54
C LEU E 168 -43.77 -16.97 -9.39
N LEU E 169 -44.43 -16.35 -10.37
CA LEU E 169 -43.73 -15.41 -11.23
C LEU E 169 -43.25 -14.19 -10.45
N LEU E 170 -44.15 -13.58 -9.66
CA LEU E 170 -43.74 -12.42 -8.88
C LEU E 170 -42.70 -12.79 -7.85
N GLY E 171 -42.82 -13.96 -7.23
CA GLY E 171 -41.85 -14.37 -6.25
C GLY E 171 -40.48 -14.61 -6.83
N THR E 172 -40.41 -15.25 -8.00
CA THR E 172 -39.10 -15.45 -8.61
C THR E 172 -38.51 -14.15 -9.12
N LEU E 173 -39.36 -13.22 -9.61
CA LEU E 173 -38.86 -11.91 -9.97
C LEU E 173 -38.27 -11.20 -8.77
N ILE E 174 -38.97 -11.24 -7.64
CA ILE E 174 -38.47 -10.58 -6.43
C ILE E 174 -37.21 -11.27 -5.92
N PHE E 175 -37.17 -12.60 -5.97
CA PHE E 175 -36.00 -13.34 -5.52
C PHE E 175 -34.78 -12.98 -6.35
N CYS E 176 -34.92 -12.96 -7.67
CA CYS E 176 -33.77 -12.66 -8.50
C CYS E 176 -33.40 -11.19 -8.44
N ALA E 177 -34.36 -10.30 -8.17
CA ALA E 177 -34.02 -8.91 -7.93
C ALA E 177 -33.20 -8.75 -6.66
N VAL E 178 -33.66 -9.39 -5.57
CA VAL E 178 -32.91 -9.39 -4.31
C VAL E 178 -31.52 -9.96 -4.55
N LEU E 179 -31.45 -11.10 -5.24
CA LEU E 179 -30.17 -11.76 -5.45
C LEU E 179 -29.22 -10.89 -6.27
N GLY E 180 -29.71 -10.30 -7.36
CA GLY E 180 -28.85 -9.48 -8.17
C GLY E 180 -28.34 -8.25 -7.44
N ASN E 181 -29.23 -7.55 -6.75
CA ASN E 181 -28.80 -6.32 -6.09
C ASN E 181 -27.92 -6.62 -4.89
N ALA E 182 -28.23 -7.68 -4.13
CA ALA E 182 -27.37 -8.07 -3.02
C ALA E 182 -26.01 -8.54 -3.53
N CYS E 183 -25.98 -9.22 -4.67
CA CYS E 183 -24.71 -9.64 -5.25
C CYS E 183 -23.88 -8.42 -5.65
N VAL E 184 -24.51 -7.39 -6.21
CA VAL E 184 -23.77 -6.19 -6.57
C VAL E 184 -23.21 -5.51 -5.32
N VAL E 185 -24.03 -5.39 -4.28
CA VAL E 185 -23.56 -4.74 -3.05
C VAL E 185 -22.44 -5.56 -2.42
N ALA E 186 -22.58 -6.88 -2.42
CA ALA E 186 -21.54 -7.75 -1.87
C ALA E 186 -20.25 -7.62 -2.67
N ALA E 187 -20.34 -7.57 -4.01
CA ALA E 187 -19.15 -7.41 -4.82
C ALA E 187 -18.46 -6.09 -4.52
N ILE E 188 -19.26 -5.03 -4.31
CA ILE E 188 -18.66 -3.74 -3.96
C ILE E 188 -17.96 -3.82 -2.62
N ALA E 189 -18.60 -4.46 -1.64
CA ALA E 189 -18.05 -4.50 -0.28
C ALA E 189 -16.80 -5.38 -0.20
N LEU E 190 -16.82 -6.52 -0.89
CA LEU E 190 -15.76 -7.51 -0.73
C LEU E 190 -14.53 -7.15 -1.56
N GLU E 191 -14.71 -6.84 -2.84
CA GLU E 191 -13.58 -6.60 -3.71
C GLU E 191 -13.05 -5.18 -3.54
N ARG E 192 -11.74 -5.08 -3.37
CA ARG E 192 -11.11 -3.77 -3.17
C ARG E 192 -10.97 -2.98 -4.46
N SER E 193 -10.97 -3.66 -5.60
CA SER E 193 -10.90 -2.95 -6.88
C SER E 193 -12.21 -2.26 -7.23
N LEU E 194 -13.29 -2.62 -6.55
CA LEU E 194 -14.62 -2.10 -6.85
C LEU E 194 -15.05 -0.96 -5.94
N GLN E 195 -14.17 -0.46 -5.09
CA GLN E 195 -14.49 0.71 -4.28
C GLN E 195 -13.90 1.94 -4.97
N ASN E 196 -14.70 2.56 -5.84
CA ASN E 196 -14.42 3.88 -6.37
C ASN E 196 -15.76 4.56 -6.65
N VAL E 197 -15.69 5.85 -6.97
CA VAL E 197 -16.86 6.71 -6.89
C VAL E 197 -18.00 6.20 -7.78
N ALA E 198 -17.67 5.88 -9.03
CA ALA E 198 -18.70 5.37 -9.94
C ALA E 198 -19.27 4.06 -9.42
N ASN E 199 -18.41 3.19 -8.91
CA ASN E 199 -18.88 1.94 -8.37
C ASN E 199 -19.62 2.14 -7.07
N TYR E 200 -19.29 3.19 -6.33
CA TYR E 200 -20.07 3.54 -5.14
C TYR E 200 -21.49 3.93 -5.52
N LEU E 201 -21.64 4.71 -6.60
CA LEU E 201 -22.98 5.07 -7.06
C LEU E 201 -23.73 3.85 -7.55
N ILE E 202 -23.06 2.95 -8.26
CA ILE E 202 -23.73 1.76 -8.78
C ILE E 202 -24.12 0.83 -7.63
N GLY E 203 -23.24 0.69 -6.63
CA GLY E 203 -23.58 -0.11 -5.47
C GLY E 203 -24.69 0.49 -4.64
N SER E 204 -24.75 1.82 -4.55
CA SER E 204 -25.87 2.45 -3.87
C SER E 204 -27.17 2.27 -4.64
N LEU E 205 -27.10 2.30 -5.97
CA LEU E 205 -28.27 1.99 -6.77
C LEU E 205 -28.74 0.57 -6.51
N ALA E 206 -27.79 -0.35 -6.37
CA ALA E 206 -28.13 -1.73 -6.00
C ALA E 206 -28.71 -1.80 -4.60
N VAL E 207 -28.23 -0.97 -3.69
CA VAL E 207 -28.81 -0.92 -2.34
C VAL E 207 -30.25 -0.44 -2.41
N THR E 208 -30.51 0.61 -3.19
CA THR E 208 -31.87 1.12 -3.34
C THR E 208 -32.78 0.08 -3.97
N ASP E 209 -32.30 -0.62 -5.00
CA ASP E 209 -33.09 -1.65 -5.63
C ASP E 209 -33.27 -2.87 -4.75
N LEU E 210 -32.33 -3.13 -3.84
CA LEU E 210 -32.52 -4.20 -2.86
C LEU E 210 -33.55 -3.79 -1.80
N MET E 211 -33.53 -2.54 -1.38
CA MET E 211 -34.59 -2.05 -0.51
C MET E 211 -35.94 -2.15 -1.19
N VAL E 212 -36.00 -1.82 -2.48
CA VAL E 212 -37.20 -2.11 -3.27
C VAL E 212 -37.57 -3.58 -3.14
N SER E 213 -36.68 -4.45 -3.60
CA SER E 213 -36.99 -5.87 -3.73
C SER E 213 -37.28 -6.55 -2.41
N VAL E 214 -36.92 -5.95 -1.28
CA VAL E 214 -37.14 -6.55 0.03
C VAL E 214 -38.35 -5.94 0.72
N LEU E 215 -38.44 -4.61 0.73
CA LEU E 215 -39.51 -3.94 1.47
C LEU E 215 -40.75 -3.71 0.63
N VAL E 216 -40.59 -3.27 -0.61
CA VAL E 216 -41.71 -2.91 -1.47
C VAL E 216 -42.23 -4.13 -2.22
N LEU E 217 -41.35 -4.86 -2.90
CA LEU E 217 -41.80 -5.90 -3.81
C LEU E 217 -42.56 -7.03 -3.14
N PRO E 218 -42.18 -7.57 -1.97
CA PRO E 218 -43.02 -8.60 -1.37
C PRO E 218 -44.44 -8.11 -1.07
N MET E 219 -44.59 -6.89 -0.58
CA MET E 219 -45.93 -6.37 -0.32
C MET E 219 -46.68 -6.07 -1.61
N ALA E 220 -45.98 -5.58 -2.62
CA ALA E 220 -46.62 -5.36 -3.91
C ALA E 220 -47.09 -6.67 -4.52
N ALA E 221 -46.29 -7.72 -4.40
CA ALA E 221 -46.68 -9.03 -4.91
C ALA E 221 -47.85 -9.59 -4.11
N LEU E 222 -47.87 -9.37 -2.80
CA LEU E 222 -49.01 -9.82 -2.01
C LEU E 222 -50.28 -9.08 -2.43
N TYR E 223 -50.19 -7.76 -2.60
CA TYR E 223 -51.34 -6.98 -3.04
C TYR E 223 -51.80 -7.38 -4.42
N GLN E 224 -50.87 -7.82 -5.27
CA GLN E 224 -51.24 -8.28 -6.60
C GLN E 224 -51.89 -9.65 -6.57
N VAL E 225 -51.35 -10.57 -5.78
CA VAL E 225 -51.85 -11.93 -5.74
C VAL E 225 -53.22 -11.99 -5.07
N LEU E 226 -53.36 -11.31 -3.93
CA LEU E 226 -54.62 -11.30 -3.21
C LEU E 226 -55.63 -10.33 -3.80
N ASN E 227 -55.23 -9.52 -4.78
CA ASN E 227 -56.08 -8.55 -5.46
C ASN E 227 -56.67 -7.53 -4.49
N LYS E 228 -56.21 -7.50 -3.25
CA LYS E 228 -56.73 -6.58 -2.25
C LYS E 228 -55.65 -6.31 -1.23
N TRP E 229 -55.82 -5.21 -0.48
CA TRP E 229 -54.90 -4.85 0.58
C TRP E 229 -55.36 -5.51 1.87
N THR E 230 -54.88 -6.73 2.09
CA THR E 230 -55.28 -7.50 3.27
C THR E 230 -54.73 -6.94 4.57
N LEU E 231 -53.81 -5.98 4.52
CA LEU E 231 -53.26 -5.39 5.72
C LEU E 231 -54.10 -4.18 6.12
N GLY E 232 -53.60 -3.40 7.07
CA GLY E 232 -54.33 -2.24 7.56
C GLY E 232 -54.15 -1.03 6.66
N GLN E 233 -54.58 0.11 7.17
CA GLN E 233 -54.50 1.38 6.44
C GLN E 233 -53.24 2.17 6.77
N VAL E 234 -52.80 2.16 8.03
CA VAL E 234 -51.56 2.84 8.37
C VAL E 234 -50.38 2.17 7.67
N THR E 235 -50.40 0.84 7.58
CA THR E 235 -49.38 0.14 6.81
C THR E 235 -49.54 0.38 5.32
N CYS E 236 -50.76 0.61 4.84
CA CYS E 236 -50.95 1.01 3.45
C CYS E 236 -50.24 2.32 3.17
N ASP E 237 -50.44 3.32 4.05
CA ASP E 237 -49.77 4.60 3.87
C ASP E 237 -48.27 4.45 3.97
N LEU E 238 -47.80 3.63 4.94
CA LEU E 238 -46.38 3.42 5.10
C LEU E 238 -45.77 2.80 3.85
N PHE E 239 -46.45 1.84 3.24
CA PHE E 239 -45.90 1.18 2.06
C PHE E 239 -46.07 2.01 0.80
N ILE E 240 -47.08 2.87 0.71
CA ILE E 240 -47.10 3.86 -0.36
C ILE E 240 -45.89 4.78 -0.25
N ALA E 241 -45.64 5.28 0.95
CA ALA E 241 -44.50 6.17 1.15
C ALA E 241 -43.20 5.45 0.84
N LEU E 242 -43.09 4.19 1.26
CA LEU E 242 -41.87 3.43 1.05
C LEU E 242 -41.66 3.12 -0.43
N ASP E 243 -42.74 2.78 -1.15
CA ASP E 243 -42.66 2.56 -2.58
C ASP E 243 -42.19 3.80 -3.32
N VAL E 244 -42.82 4.94 -3.03
CA VAL E 244 -42.43 6.18 -3.70
C VAL E 244 -40.99 6.53 -3.37
N LEU E 245 -40.60 6.43 -2.10
CA LEU E 245 -39.23 6.72 -1.71
C LEU E 245 -38.24 5.86 -2.46
N CYS E 246 -38.43 4.54 -2.43
CA CYS E 246 -37.47 3.63 -3.01
C CYS E 246 -37.38 3.79 -4.52
N CYS E 247 -38.53 3.92 -5.19
CA CYS E 247 -38.51 4.01 -6.65
C CYS E 247 -37.98 5.36 -7.13
N THR E 248 -38.36 6.45 -6.45
CA THR E 248 -37.81 7.75 -6.78
C THR E 248 -36.30 7.77 -6.58
N SER E 249 -35.82 7.13 -5.51
CA SER E 249 -34.39 7.07 -5.28
C SER E 249 -33.68 6.22 -6.32
N SER E 250 -34.32 5.14 -6.78
CA SER E 250 -33.70 4.34 -7.84
C SER E 250 -33.56 5.14 -9.13
N ILE E 251 -34.63 5.85 -9.51
CA ILE E 251 -34.57 6.67 -10.72
C ILE E 251 -33.51 7.76 -10.58
N TRP E 252 -33.46 8.40 -9.42
CA TRP E 252 -32.48 9.46 -9.26
C TRP E 252 -31.07 8.93 -9.05
N HIS E 253 -30.90 7.67 -8.65
CA HIS E 253 -29.57 7.04 -8.76
C HIS E 253 -29.18 6.85 -10.20
N LEU E 254 -30.11 6.47 -11.06
CA LEU E 254 -29.80 6.47 -12.49
C LEU E 254 -29.33 7.84 -12.93
N CYS E 255 -30.01 8.89 -12.47
CA CYS E 255 -29.61 10.25 -12.82
C CYS E 255 -28.25 10.63 -12.24
N ALA E 256 -27.96 10.19 -11.01
CA ALA E 256 -26.68 10.50 -10.39
C ALA E 256 -25.55 9.78 -11.08
N ILE E 257 -25.78 8.54 -11.51
CA ILE E 257 -24.79 7.82 -12.30
C ILE E 257 -24.55 8.53 -13.62
N ALA E 258 -25.62 8.99 -14.27
CA ALA E 258 -25.47 9.73 -15.52
C ALA E 258 -24.69 11.02 -15.30
N LEU E 259 -24.96 11.71 -14.19
CA LEU E 259 -24.24 12.94 -13.88
C LEU E 259 -22.77 12.68 -13.60
N ASP E 260 -22.47 11.60 -12.87
CA ASP E 260 -21.09 11.22 -12.62
C ASP E 260 -20.36 10.91 -13.92
N ARG E 261 -20.99 10.15 -14.81
CA ARG E 261 -20.38 9.86 -16.10
C ARG E 261 -20.20 11.12 -16.92
N TYR E 262 -21.18 12.02 -16.86
CA TYR E 262 -21.09 13.27 -17.61
C TYR E 262 -19.90 14.10 -17.13
N TRP E 263 -19.71 14.21 -15.82
CA TRP E 263 -18.58 14.97 -15.31
C TRP E 263 -17.26 14.27 -15.55
N ALA E 264 -17.25 12.94 -15.52
CA ALA E 264 -16.02 12.20 -15.80
C ALA E 264 -15.59 12.37 -17.25
N ILE E 265 -16.56 12.40 -18.16
CA ILE E 265 -16.25 12.42 -19.58
C ILE E 265 -16.05 13.83 -20.12
N THR E 266 -16.74 14.82 -19.56
CA THR E 266 -16.61 16.19 -20.03
C THR E 266 -15.70 17.05 -19.19
N ASP E 267 -15.39 16.64 -17.96
CA ASP E 267 -14.52 17.39 -17.06
C ASP E 267 -13.44 16.47 -16.52
N PRO E 268 -12.41 16.16 -17.33
CA PRO E 268 -11.31 15.35 -16.81
C PRO E 268 -10.55 15.99 -15.67
N ILE E 269 -10.47 17.32 -15.64
CA ILE E 269 -9.78 18.00 -14.55
C ILE E 269 -10.53 17.78 -13.24
N ASP E 270 -11.85 17.88 -13.27
CA ASP E 270 -12.65 17.54 -12.11
C ASP E 270 -12.49 16.08 -11.74
N TYR E 271 -12.45 15.19 -12.74
CA TYR E 271 -12.32 13.78 -12.47
C TYR E 271 -11.03 13.47 -11.72
N VAL E 272 -9.93 14.11 -12.12
CA VAL E 272 -8.65 13.84 -11.48
C VAL E 272 -8.56 14.54 -10.12
N ASN E 273 -8.88 15.84 -10.08
CA ASN E 273 -8.62 16.65 -8.90
C ASN E 273 -9.75 16.62 -7.88
N LYS E 274 -11.00 16.74 -8.32
CA LYS E 274 -12.10 17.00 -7.39
C LYS E 274 -13.07 15.84 -7.22
N ARG E 275 -12.93 14.77 -7.99
CA ARG E 275 -13.85 13.64 -7.85
C ARG E 275 -13.37 12.76 -6.71
N THR E 276 -14.15 12.71 -5.65
CA THR E 276 -13.85 11.96 -4.43
C THR E 276 -15.08 11.17 -4.03
N PRO E 277 -14.91 10.12 -3.21
CA PRO E 277 -16.09 9.38 -2.73
C PRO E 277 -17.06 10.24 -1.95
N ARG E 278 -16.62 11.39 -1.44
CA ARG E 278 -17.56 12.33 -0.85
C ARG E 278 -18.58 12.81 -1.86
N ARG E 279 -18.20 12.90 -3.13
CA ARG E 279 -19.16 13.26 -4.17
C ARG E 279 -20.17 12.14 -4.40
N ALA E 280 -19.72 10.89 -4.38
CA ALA E 280 -20.66 9.78 -4.46
C ALA E 280 -21.63 9.82 -3.29
N ALA E 281 -21.13 10.06 -2.09
CA ALA E 281 -22.00 10.15 -0.92
C ALA E 281 -22.98 11.30 -1.05
N ALA E 282 -22.52 12.44 -1.57
CA ALA E 282 -23.41 13.59 -1.76
C ALA E 282 -24.51 13.27 -2.76
N LEU E 283 -24.15 12.64 -3.87
CA LEU E 283 -25.16 12.29 -4.87
C LEU E 283 -26.15 11.28 -4.30
N ILE E 284 -25.67 10.27 -3.57
CA ILE E 284 -26.56 9.27 -3.00
C ILE E 284 -27.52 9.90 -2.01
N SER E 285 -26.99 10.72 -1.10
CA SER E 285 -27.84 11.42 -0.14
C SER E 285 -28.83 12.34 -0.85
N LEU E 286 -28.43 12.94 -1.97
CA LEU E 286 -29.35 13.84 -2.68
C LEU E 286 -30.47 13.06 -3.36
N THR E 287 -30.16 11.90 -3.94
CA THR E 287 -31.22 11.09 -4.51
C THR E 287 -32.19 10.61 -3.45
N TRP E 288 -31.67 10.19 -2.29
CA TRP E 288 -32.56 9.79 -1.21
C TRP E 288 -33.36 10.96 -0.66
N LEU E 289 -32.75 12.14 -0.63
CA LEU E 289 -33.47 13.34 -0.21
C LEU E 289 -34.63 13.63 -1.16
N ILE E 290 -34.38 13.56 -2.46
CA ILE E 290 -35.44 13.78 -3.43
C ILE E 290 -36.52 12.72 -3.27
N GLY E 291 -36.13 11.48 -3.03
CA GLY E 291 -37.11 10.45 -2.76
C GLY E 291 -37.98 10.77 -1.56
N PHE E 292 -37.37 11.27 -0.48
CA PHE E 292 -38.16 11.65 0.69
C PHE E 292 -39.09 12.81 0.39
N LEU E 293 -38.60 13.84 -0.29
CA LEU E 293 -39.47 14.96 -0.65
C LEU E 293 -40.57 14.57 -1.62
N ILE E 294 -40.42 13.47 -2.36
CA ILE E 294 -41.55 13.02 -3.18
C ILE E 294 -42.47 12.08 -2.41
N SER E 295 -41.94 11.40 -1.39
CA SER E 295 -42.67 10.33 -0.71
C SER E 295 -43.44 10.80 0.52
N ILE E 296 -42.93 11.79 1.23
CA ILE E 296 -43.48 12.21 2.53
C ILE E 296 -44.70 13.12 2.39
N PRO E 297 -44.77 14.06 1.44
CA PRO E 297 -45.92 15.00 1.40
C PRO E 297 -47.27 14.30 1.49
N PRO E 298 -47.48 13.15 0.84
CA PRO E 298 -48.75 12.44 1.09
C PRO E 298 -48.93 12.02 2.54
N MET E 299 -47.84 11.79 3.26
CA MET E 299 -47.96 11.50 4.69
C MET E 299 -48.23 12.76 5.49
N LEU E 300 -47.71 13.90 5.03
CA LEU E 300 -47.86 15.17 5.73
C LEU E 300 -49.17 15.89 5.41
N GLY E 301 -49.92 15.44 4.42
CA GLY E 301 -51.23 16.03 4.23
C GLY E 301 -51.74 16.19 2.82
N TRP E 302 -50.90 15.93 1.81
CA TRP E 302 -51.35 16.03 0.42
C TRP E 302 -52.21 14.81 0.10
N ARG E 303 -53.44 14.85 0.59
CA ARG E 303 -54.36 13.74 0.43
C ARG E 303 -55.81 14.17 0.70
N PRO E 311 -60.33 1.58 1.72
CA PRO E 311 -61.41 0.62 1.52
C PRO E 311 -60.93 -0.71 0.96
N ASP E 312 -60.05 -1.39 1.70
CA ASP E 312 -59.52 -2.71 1.31
C ASP E 312 -58.77 -2.62 -0.02
N ALA E 313 -58.13 -1.48 -0.27
CA ALA E 313 -57.32 -1.27 -1.46
C ALA E 313 -56.33 -0.15 -1.18
N CYS E 314 -55.08 -0.37 -1.55
CA CYS E 314 -54.00 0.56 -1.25
C CYS E 314 -53.56 1.21 -2.55
N THR E 315 -53.70 2.54 -2.63
CA THR E 315 -53.34 3.28 -3.82
C THR E 315 -52.61 4.56 -3.42
N ILE E 316 -51.83 5.08 -4.35
CA ILE E 316 -51.13 6.34 -4.16
C ILE E 316 -52.14 7.49 -4.25
N SER E 317 -51.80 8.61 -3.60
CA SER E 317 -52.64 9.80 -3.65
C SER E 317 -52.81 10.28 -5.08
N LYS E 318 -54.04 10.24 -5.60
CA LYS E 318 -54.33 10.61 -6.97
C LYS E 318 -54.58 12.11 -7.14
N ASP E 319 -54.28 12.91 -6.11
CA ASP E 319 -54.48 14.35 -6.21
C ASP E 319 -53.71 14.91 -7.39
N HIS E 320 -54.34 15.83 -8.13
CA HIS E 320 -53.73 16.35 -9.34
C HIS E 320 -52.44 17.10 -9.04
N GLY E 321 -52.44 17.92 -7.98
CA GLY E 321 -51.21 18.57 -7.59
C GLY E 321 -50.13 17.58 -7.22
N TYR E 322 -50.48 16.59 -6.40
CA TYR E 322 -49.52 15.56 -6.05
C TYR E 322 -49.17 14.69 -7.24
N THR E 323 -50.11 14.46 -8.15
CA THR E 323 -49.78 13.69 -9.35
C THR E 323 -48.69 14.39 -10.15
N ILE E 324 -48.86 15.69 -10.39
CA ILE E 324 -47.83 16.45 -11.10
C ILE E 324 -46.53 16.41 -10.33
N TYR E 325 -46.59 16.67 -9.02
CA TYR E 325 -45.39 16.76 -8.21
C TYR E 325 -44.61 15.45 -8.18
N SER E 326 -45.32 14.33 -8.06
CA SER E 326 -44.67 13.05 -7.89
C SER E 326 -44.26 12.42 -9.22
N THR E 327 -44.94 12.76 -10.32
CA THR E 327 -44.53 12.18 -11.59
C THR E 327 -43.47 13.02 -12.29
N PHE E 328 -43.57 14.34 -12.21
CA PHE E 328 -42.54 15.18 -12.80
C PHE E 328 -41.27 15.18 -11.95
N GLY E 329 -41.41 15.25 -10.64
CA GLY E 329 -40.24 15.29 -9.77
C GLY E 329 -39.53 13.97 -9.62
N ALA E 330 -40.17 12.86 -10.00
CA ALA E 330 -39.57 11.55 -9.83
C ALA E 330 -39.29 10.82 -11.13
N PHE E 331 -39.94 11.19 -12.23
CA PHE E 331 -39.55 10.55 -13.48
C PHE E 331 -39.28 11.53 -14.61
N TYR E 332 -40.08 12.59 -14.74
CA TYR E 332 -39.98 13.41 -15.93
C TYR E 332 -38.83 14.39 -15.86
N ILE E 333 -38.61 15.02 -14.70
CA ILE E 333 -37.35 15.73 -14.49
C ILE E 333 -36.17 14.76 -14.54
N PRO E 334 -36.21 13.59 -13.89
CA PRO E 334 -35.14 12.61 -14.13
C PRO E 334 -35.00 12.17 -15.57
N LEU E 335 -36.10 11.94 -16.30
CA LEU E 335 -35.97 11.51 -17.69
C LEU E 335 -35.34 12.61 -18.54
N LEU E 336 -35.76 13.85 -18.32
CA LEU E 336 -35.18 14.97 -19.06
C LEU E 336 -33.69 15.12 -18.73
N LEU E 337 -33.35 15.04 -17.45
CA LEU E 337 -31.94 15.15 -17.05
C LEU E 337 -31.11 14.03 -17.65
N MET E 338 -31.62 12.80 -17.61
CA MET E 338 -30.87 11.68 -18.14
C MET E 338 -30.73 11.78 -19.65
N LEU E 339 -31.78 12.21 -20.34
CA LEU E 339 -31.70 12.41 -21.79
C LEU E 339 -30.67 13.47 -22.14
N VAL E 340 -30.69 14.60 -21.44
CA VAL E 340 -29.74 15.67 -21.72
C VAL E 340 -28.32 15.22 -21.41
N LEU E 341 -28.13 14.58 -20.24
CA LEU E 341 -26.79 14.19 -19.83
C LEU E 341 -26.21 13.13 -20.75
N TYR E 342 -26.99 12.12 -21.10
CA TYR E 342 -26.49 11.11 -22.01
C TYR E 342 -26.44 11.59 -23.45
N GLY E 343 -27.18 12.63 -23.81
CA GLY E 343 -26.97 13.25 -25.11
C GLY E 343 -25.65 13.99 -25.18
N ARG E 344 -25.30 14.72 -24.14
CA ARG E 344 -24.00 15.38 -24.15
C ARG E 344 -22.86 14.39 -23.96
N ILE E 345 -23.08 13.31 -23.22
CA ILE E 345 -22.10 12.23 -23.17
C ILE E 345 -21.97 11.54 -24.52
N PHE E 346 -23.07 11.38 -25.25
CA PHE E 346 -23.00 10.84 -26.60
C PHE E 346 -22.21 11.75 -27.52
N ARG E 347 -22.45 13.06 -27.42
CA ARG E 347 -21.69 14.01 -28.23
C ARG E 347 -20.21 13.94 -27.90
N ALA E 348 -19.87 13.89 -26.62
CA ALA E 348 -18.46 13.81 -26.22
C ALA E 348 -17.83 12.50 -26.68
N ALA E 349 -18.53 11.38 -26.51
CA ALA E 349 -17.99 10.10 -26.93
C ALA E 349 -17.78 10.07 -28.44
N ARG E 350 -18.73 10.59 -29.20
CA ARG E 350 -18.59 10.62 -30.65
C ARG E 350 -17.47 11.55 -31.07
N PHE E 351 -17.30 12.68 -30.38
CA PHE E 351 -16.17 13.54 -30.68
C PHE E 351 -14.86 12.81 -30.44
N ARG E 352 -14.75 12.12 -29.32
CA ARG E 352 -13.51 11.39 -29.01
C ARG E 352 -13.28 10.23 -29.97
N ILE E 353 -14.35 9.67 -30.53
CA ILE E 353 -14.18 8.56 -31.48
C ILE E 353 -13.76 9.09 -32.84
N ARG E 354 -14.44 10.10 -33.37
CA ARG E 354 -14.05 10.65 -34.67
C ARG E 354 -12.67 11.29 -34.63
N LYS E 355 -12.35 12.01 -33.56
CA LYS E 355 -11.06 12.67 -33.47
C LYS E 355 -9.93 11.66 -33.34
N ARG E 450 -0.98 1.48 -49.58
CA ARG E 450 -1.21 0.05 -49.40
C ARG E 450 -1.34 -0.30 -47.93
N LYS E 451 -0.20 -0.38 -47.24
CA LYS E 451 -0.21 -0.63 -45.81
C LYS E 451 -0.87 0.52 -45.06
N ASN E 452 -0.56 1.76 -45.45
CA ASN E 452 -1.20 2.91 -44.81
C ASN E 452 -2.70 2.91 -45.06
N GLU E 453 -3.13 2.54 -46.27
CA GLU E 453 -4.55 2.47 -46.57
C GLU E 453 -5.23 1.39 -45.75
N ARG E 454 -4.59 0.23 -45.59
CA ARG E 454 -5.16 -0.83 -44.78
C ARG E 454 -5.24 -0.42 -43.31
N ASN E 455 -4.22 0.28 -42.81
CA ASN E 455 -4.26 0.75 -41.43
C ASN E 455 -5.36 1.78 -41.22
N ALA E 456 -5.54 2.69 -42.18
CA ALA E 456 -6.63 3.65 -42.09
C ALA E 456 -7.98 2.96 -42.15
N GLU E 457 -8.09 1.91 -42.97
CA GLU E 457 -9.33 1.14 -43.04
C GLU E 457 -9.63 0.45 -41.71
N ALA E 458 -8.61 -0.13 -41.10
CA ALA E 458 -8.80 -0.77 -39.79
C ALA E 458 -9.18 0.26 -38.74
N LYS E 459 -8.56 1.45 -38.79
CA LYS E 459 -8.90 2.51 -37.84
C LYS E 459 -10.34 2.97 -38.03
N ARG E 460 -10.77 3.10 -39.29
CA ARG E 460 -12.15 3.49 -39.57
C ARG E 460 -13.14 2.44 -39.09
N LYS E 461 -12.82 1.16 -39.32
CA LYS E 461 -13.70 0.11 -38.84
C LYS E 461 -13.78 0.09 -37.32
N MET E 462 -12.64 0.33 -36.66
CA MET E 462 -12.64 0.40 -35.19
C MET E 462 -13.45 1.60 -34.70
N ALA E 463 -13.36 2.74 -35.38
CA ALA E 463 -14.15 3.90 -35.01
C ALA E 463 -15.65 3.61 -35.15
N LEU E 464 -16.04 2.96 -36.25
CA LEU E 464 -17.45 2.59 -36.41
C LEU E 464 -17.89 1.58 -35.36
N ALA E 465 -17.02 0.64 -35.01
CA ALA E 465 -17.35 -0.30 -33.94
C ALA E 465 -17.56 0.42 -32.62
N ARG E 466 -16.70 1.41 -32.32
CA ARG E 466 -16.87 2.19 -31.11
C ARG E 466 -18.15 3.01 -31.14
N GLU E 467 -18.49 3.56 -32.30
CA GLU E 467 -19.74 4.31 -32.42
C GLU E 467 -20.95 3.41 -32.17
N ARG E 468 -20.94 2.21 -32.75
CA ARG E 468 -22.01 1.26 -32.47
C ARG E 468 -22.02 0.85 -31.01
N LYS E 469 -20.84 0.75 -30.38
CA LYS E 469 -20.78 0.44 -28.96
C LYS E 469 -21.45 1.53 -28.12
N THR E 470 -21.15 2.79 -28.43
CA THR E 470 -21.80 3.89 -27.70
C THR E 470 -23.30 3.87 -27.94
N VAL E 471 -23.72 3.65 -29.19
CA VAL E 471 -25.15 3.62 -29.48
C VAL E 471 -25.82 2.50 -28.70
N LYS E 472 -25.23 1.31 -28.69
CA LYS E 472 -25.81 0.18 -27.98
C LYS E 472 -25.82 0.41 -26.47
N THR E 473 -24.77 0.99 -25.92
CA THR E 473 -24.71 1.23 -24.49
C THR E 473 -25.77 2.23 -24.06
N LEU E 474 -25.84 3.37 -24.77
CA LEU E 474 -26.86 4.35 -24.44
C LEU E 474 -28.26 3.82 -24.71
N GLY E 475 -28.41 3.01 -25.75
CA GLY E 475 -29.70 2.39 -25.98
C GLY E 475 -30.10 1.49 -24.84
N ILE E 476 -29.21 0.62 -24.41
CA ILE E 476 -29.54 -0.29 -23.31
C ILE E 476 -29.93 0.51 -22.08
N ILE E 477 -29.08 1.48 -21.68
CA ILE E 477 -29.36 2.27 -20.50
C ILE E 477 -30.71 2.95 -20.61
N MET E 478 -30.85 3.83 -21.61
CA MET E 478 -32.02 4.68 -21.70
C MET E 478 -33.27 3.88 -22.03
N GLY E 479 -33.16 2.87 -22.89
CA GLY E 479 -34.32 2.06 -23.22
C GLY E 479 -34.82 1.24 -22.06
N THR E 480 -33.92 0.62 -21.29
CA THR E 480 -34.40 -0.07 -20.09
C THR E 480 -35.10 0.91 -19.17
N PHE E 481 -34.47 2.06 -18.90
CA PHE E 481 -35.09 3.05 -18.03
C PHE E 481 -36.46 3.46 -18.56
N ILE E 482 -36.54 3.82 -19.83
CA ILE E 482 -37.78 4.32 -20.41
C ILE E 482 -38.84 3.23 -20.46
N LEU E 483 -38.55 2.13 -21.15
CA LEU E 483 -39.54 1.08 -21.32
C LEU E 483 -39.95 0.46 -19.99
N CYS E 484 -39.20 0.69 -18.91
CA CYS E 484 -39.69 0.21 -17.62
C CYS E 484 -40.50 1.26 -16.87
N TRP E 485 -40.11 2.52 -16.90
CA TRP E 485 -40.78 3.50 -16.05
C TRP E 485 -41.73 4.43 -16.79
N LEU E 486 -41.41 4.82 -18.02
CA LEU E 486 -42.27 5.72 -18.79
C LEU E 486 -43.70 5.21 -18.95
N PRO E 487 -43.95 3.92 -19.24
CA PRO E 487 -45.34 3.46 -19.21
C PRO E 487 -46.03 3.79 -17.90
N PHE E 488 -45.37 3.48 -16.78
CA PHE E 488 -45.98 3.73 -15.48
C PHE E 488 -46.27 5.19 -15.27
N PHE E 489 -45.34 6.07 -15.62
CA PHE E 489 -45.54 7.47 -15.29
C PHE E 489 -46.47 8.16 -16.27
N ILE E 490 -46.53 7.68 -17.52
CA ILE E 490 -47.57 8.16 -18.42
C ILE E 490 -48.94 7.78 -17.88
N VAL E 491 -49.09 6.55 -17.42
CA VAL E 491 -50.37 6.13 -16.82
C VAL E 491 -50.66 6.94 -15.57
N ALA E 492 -49.66 7.13 -14.71
CA ALA E 492 -49.84 7.84 -13.45
C ALA E 492 -50.06 9.32 -13.65
N LEU E 493 -49.74 9.85 -14.82
CA LEU E 493 -50.04 11.23 -15.12
C LEU E 493 -51.39 11.41 -15.81
N VAL E 494 -51.83 10.42 -16.59
CA VAL E 494 -53.08 10.61 -17.33
C VAL E 494 -54.30 10.10 -16.59
N LEU E 495 -54.19 9.02 -15.82
CA LEU E 495 -55.35 8.53 -15.07
C LEU E 495 -55.88 9.51 -14.03
N PRO E 496 -55.06 10.16 -13.19
CA PRO E 496 -55.64 11.13 -12.25
C PRO E 496 -56.33 12.30 -12.92
N PHE E 497 -56.00 12.60 -14.18
CA PHE E 497 -56.66 13.65 -14.93
C PHE E 497 -57.78 13.13 -15.83
N CYS E 498 -58.04 11.84 -15.80
CA CYS E 498 -59.16 11.24 -16.54
C CYS E 498 -60.20 10.79 -15.52
N GLU E 499 -61.34 11.49 -15.48
CA GLU E 499 -62.42 11.13 -14.58
C GLU E 499 -62.96 9.75 -14.93
N SER E 500 -63.52 9.61 -16.13
CA SER E 500 -64.02 8.32 -16.59
C SER E 500 -63.66 8.02 -18.04
N SER E 501 -63.22 9.01 -18.83
CA SER E 501 -62.83 8.74 -20.21
C SER E 501 -61.66 7.77 -20.29
N CYS E 502 -60.79 7.77 -19.28
CA CYS E 502 -59.67 6.84 -19.21
C CYS E 502 -59.97 5.80 -18.13
N HIS E 503 -60.11 4.55 -18.56
CA HIS E 503 -60.28 3.42 -17.65
C HIS E 503 -59.09 2.48 -17.86
N MET E 504 -58.45 2.10 -16.76
CA MET E 504 -57.25 1.29 -16.85
C MET E 504 -57.61 -0.18 -16.68
N PRO E 505 -57.41 -1.02 -17.69
CA PRO E 505 -57.63 -2.46 -17.50
C PRO E 505 -56.72 -2.99 -16.41
N THR E 506 -57.22 -3.97 -15.66
CA THR E 506 -56.46 -4.48 -14.51
C THR E 506 -55.15 -5.11 -14.95
N LEU E 507 -55.19 -5.97 -15.97
CA LEU E 507 -53.99 -6.64 -16.42
C LEU E 507 -52.95 -5.65 -16.92
N LEU E 508 -53.39 -4.71 -17.76
CA LEU E 508 -52.46 -3.72 -18.30
C LEU E 508 -51.89 -2.87 -17.18
N GLY E 509 -52.73 -2.44 -16.24
CA GLY E 509 -52.23 -1.62 -15.14
C GLY E 509 -51.22 -2.35 -14.29
N ALA E 510 -51.47 -3.63 -14.01
CA ALA E 510 -50.53 -4.42 -13.23
C ALA E 510 -49.21 -4.58 -13.96
N ILE E 511 -49.25 -4.85 -15.27
CA ILE E 511 -48.02 -4.99 -16.04
C ILE E 511 -47.25 -3.68 -16.07
N ILE E 512 -47.96 -2.57 -16.24
CA ILE E 512 -47.31 -1.26 -16.25
C ILE E 512 -46.71 -0.93 -14.89
N ASN E 513 -47.38 -1.36 -13.81
CA ASN E 513 -46.82 -1.20 -12.48
C ASN E 513 -45.53 -1.99 -12.33
N TRP E 514 -45.57 -3.27 -12.69
CA TRP E 514 -44.42 -4.15 -12.47
C TRP E 514 -43.29 -3.91 -13.45
N LEU E 515 -43.50 -3.09 -14.49
CA LEU E 515 -42.39 -2.69 -15.34
C LEU E 515 -41.32 -1.91 -14.56
N GLY E 516 -41.73 -1.00 -13.69
CA GLY E 516 -40.74 -0.29 -12.89
C GLY E 516 -40.02 -1.19 -11.91
N TYR E 517 -40.73 -2.17 -11.37
CA TYR E 517 -40.10 -3.15 -10.51
C TYR E 517 -39.10 -4.00 -11.28
N SER E 518 -39.44 -4.34 -12.53
CA SER E 518 -38.48 -5.01 -13.39
C SER E 518 -37.29 -4.10 -13.67
N ASN E 519 -37.49 -2.79 -13.69
CA ASN E 519 -36.35 -1.88 -13.82
C ASN E 519 -35.44 -2.00 -12.61
N SER E 520 -36.03 -2.06 -11.42
CA SER E 520 -35.21 -2.25 -10.22
C SER E 520 -34.48 -3.59 -10.27
N LEU E 521 -35.09 -4.58 -10.93
CA LEU E 521 -34.43 -5.86 -11.14
C LEU E 521 -33.27 -5.76 -12.14
N LEU E 522 -33.46 -5.01 -13.21
CA LEU E 522 -32.52 -4.96 -14.33
C LEU E 522 -31.42 -3.93 -14.17
N ASN E 523 -31.59 -2.97 -13.26
CA ASN E 523 -30.53 -1.98 -13.04
C ASN E 523 -29.19 -2.61 -12.68
N PRO E 524 -29.11 -3.61 -11.79
CA PRO E 524 -27.82 -4.29 -11.61
C PRO E 524 -27.30 -4.91 -12.89
N VAL E 525 -28.18 -5.52 -13.70
CA VAL E 525 -27.73 -6.11 -14.96
C VAL E 525 -27.13 -5.04 -15.86
N ILE E 526 -27.79 -3.88 -15.94
CA ILE E 526 -27.33 -2.83 -16.82
C ILE E 526 -26.00 -2.26 -16.35
N TYR E 527 -25.87 -2.03 -15.05
CA TYR E 527 -24.77 -1.20 -14.55
C TYR E 527 -23.60 -1.98 -13.96
N ALA E 528 -23.81 -3.21 -13.50
CA ALA E 528 -22.74 -4.01 -12.91
C ALA E 528 -22.49 -5.29 -13.69
N TYR E 529 -23.53 -6.08 -13.95
CA TYR E 529 -23.32 -7.36 -14.61
C TYR E 529 -22.81 -7.21 -16.03
N PHE E 530 -22.93 -6.04 -16.63
CA PHE E 530 -22.28 -5.77 -17.90
C PHE E 530 -20.92 -5.10 -17.72
N ASN E 531 -20.54 -4.78 -16.49
CA ASN E 531 -19.26 -4.14 -16.24
C ASN E 531 -18.15 -5.16 -16.19
N LYS E 532 -17.02 -4.82 -16.82
CA LYS E 532 -15.87 -5.71 -16.86
C LYS E 532 -15.35 -6.00 -15.46
N ASP E 533 -15.18 -4.96 -14.65
CA ASP E 533 -14.61 -5.16 -13.31
C ASP E 533 -15.56 -5.95 -12.42
N PHE E 534 -16.86 -5.69 -12.51
CA PHE E 534 -17.81 -6.49 -11.76
C PHE E 534 -17.79 -7.95 -12.19
N GLN E 535 -17.73 -8.20 -13.50
CA GLN E 535 -17.70 -9.59 -13.96
C GLN E 535 -16.45 -10.30 -13.46
N ASN E 536 -15.30 -9.62 -13.53
CA ASN E 536 -14.06 -10.20 -13.02
C ASN E 536 -14.13 -10.43 -11.51
N ALA E 537 -14.76 -9.51 -10.78
CA ALA E 537 -14.88 -9.67 -9.33
C ALA E 537 -15.78 -10.85 -8.98
N PHE E 538 -16.89 -11.02 -9.71
CA PHE E 538 -17.73 -12.19 -9.48
C PHE E 538 -17.01 -13.48 -9.85
N LYS E 539 -16.16 -13.44 -10.89
CA LYS E 539 -15.32 -14.59 -11.18
C LYS E 539 -14.38 -14.88 -10.02
N LYS E 540 -13.79 -13.84 -9.44
CA LYS E 540 -12.87 -14.02 -8.32
C LYS E 540 -13.58 -14.63 -7.12
N ILE E 541 -14.79 -14.15 -6.81
CA ILE E 541 -15.56 -14.71 -5.71
C ILE E 541 -15.99 -16.13 -6.04
#